data_4LAC
#
_entry.id   4LAC
#
_cell.length_a   57.070
_cell.length_b   100.186
_cell.length_c   167.450
_cell.angle_alpha   90.00
_cell.angle_beta   90.00
_cell.angle_gamma   90.00
#
_symmetry.space_group_name_H-M   'P 21 21 21'
#
loop_
_entity.id
_entity.type
_entity.pdbx_description
1 polymer 'Serine/threonine-protein phosphatase 2A activator'
2 polymer 'PP2A Scaffold Subunit A, Truncated, an internal deletion of PP2A A'
3 polymer 'Serine/threonine-protein phosphatase 2A catalytic subunit alpha isoform'
4 non-polymer DI(HYDROXYETHYL)ETHER
5 non-polymer 'MANGANESE (II) ION'
6 non-polymer 'PHOSPHOTHIOPHOSPHORIC ACID-ADENYLATE ESTER'
7 non-polymer '2-(N-MORPHOLINO)-ETHANESULFONIC ACID'
8 water water
#
loop_
_entity_poly.entity_id
_entity_poly.type
_entity_poly.pdbx_seq_one_letter_code
_entity_poly.pdbx_strand_id
1 'polypeptide(L)'
;GSMATQNFIIPKKEIHTVPDMGKWKRSQAYADYIGFILTLNEGVKGKKLTFEYRVSEAIEKLVALLNTLDRWIDETPPVD
QPSRFGNKAYRTWYAKLDEEAENLVATVVPTHLAAAVPEVAVYLKESVGNSTRIDYGTGHEAAFAAFLCCLCKIGVLRVD
DQIAIVFKVFNRYLEVMRKLQKTYRMEPAGSQGVWGLDDFQFLPFIWGSSQLIDHPYLEPRHFVDEKAVNENHKDYMFLE
CILFITEMKTGPFAEHSNQLWNISAVPSWSKVNQGLIRMYKAECLEKFPVIQHFKFGSLLPIHPVTSG
;
B
2 'polypeptide(L)'
;STGIASDSSSDSSSSSSSSSSDSDSECESMSLYPIAVLIDELRNEDVQLRLNSIKKLSTIALALGVERTRSELLPFIVEL
AEDAKWRVRLAIIEYMPLLAGQLGVEYFDEKLNSLCMAWLVDHVYAIREAATSNLKKLVEKFGKEWAHATIIPKVLAMSG
DPNYLHRMTTLFCINVLSEVCGQDITTKHMLPTVLRMAGDPVANVRFNVAKSLQKIGPILDNSTLQSEVKPILEKLTQDQ
DVDVKYFAQEALTVLSLA
;
A
3 'polypeptide(L)'
;GSMDEKVFTKELDQWIEQLNECKQLSESQVKSLCEKAKEILTKESNVQEVRCPVTVCGDVHGQFHDLMELFRIGGKSPDT
NYLFMGDYVDRGYYSVETVTLLVALKVRYRERITILRGNHESRQITQVYGFYDECLRKYGNANVWKYFTDLFDYLPLTAL
VDGQIFCLHGGLSPSIDTLDHIRALDRLQEVPHEGPMCDLLWSDPDDRGGWGISPRGAGYTFGQDISETFNHANGLTLVS
RAHQLVMEGYNWCHDRNVVTIFSAPNYCYRCGNQAAIMELDDTLKYSFLQFDPAPRRGEPHVTRRTPDYFL
;
C
#
loop_
_chem_comp.id
_chem_comp.type
_chem_comp.name
_chem_comp.formula
AGS non-polymer 'PHOSPHOTHIOPHOSPHORIC ACID-ADENYLATE ESTER' 'C10 H16 N5 O12 P3 S'
MES non-polymer '2-(N-MORPHOLINO)-ETHANESULFONIC ACID' 'C6 H13 N O4 S'
MN non-polymer 'MANGANESE (II) ION' 'Mn 2'
PEG non-polymer DI(HYDROXYETHYL)ETHER 'C4 H10 O3'
#
# COMPACT_ATOMS: atom_id res chain seq x y z
N GLN A 6 47.24 -14.32 4.13
CA GLN A 6 47.16 -15.81 4.03
C GLN A 6 46.71 -16.22 2.62
N ASN A 7 45.48 -16.72 2.53
CA ASN A 7 44.94 -17.26 1.28
C ASN A 7 43.49 -16.83 1.08
N PHE A 8 43.30 -15.79 0.28
CA PHE A 8 42.01 -15.11 0.19
C PHE A 8 41.31 -15.30 -1.15
N ILE A 9 39.99 -15.40 -1.10
CA ILE A 9 39.15 -15.47 -2.31
C ILE A 9 38.03 -14.43 -2.26
N ILE A 10 37.49 -14.08 -3.43
CA ILE A 10 36.31 -13.21 -3.50
C ILE A 10 35.11 -13.96 -2.89
N PRO A 11 34.37 -13.28 -1.98
CA PRO A 11 33.16 -13.87 -1.41
C PRO A 11 32.02 -14.00 -2.41
N LYS A 12 31.38 -15.17 -2.41
CA LYS A 12 30.29 -15.50 -3.32
C LYS A 12 29.08 -15.98 -2.55
N LYS A 13 27.91 -15.94 -3.18
CA LYS A 13 26.68 -16.47 -2.58
C LYS A 13 26.71 -17.99 -2.55
N GLU A 14 26.01 -18.57 -1.59
CA GLU A 14 26.04 -20.02 -1.36
C GLU A 14 24.67 -20.56 -0.96
N ILE A 15 23.82 -19.69 -0.41
CA ILE A 15 22.46 -20.05 -0.06
C ILE A 15 21.56 -19.73 -1.25
N HIS A 16 21.16 -20.77 -1.97
CA HIS A 16 20.43 -20.56 -3.21
C HIS A 16 19.00 -21.00 -3.08
N THR A 17 18.75 -21.95 -2.17
CA THR A 17 17.41 -22.49 -1.96
C THR A 17 17.06 -22.48 -0.49
N VAL A 18 15.76 -22.66 -0.19
CA VAL A 18 15.28 -22.74 1.19
C VAL A 18 15.89 -23.92 1.97
N PRO A 19 16.09 -25.10 1.30
CA PRO A 19 16.87 -26.17 1.93
C PRO A 19 18.32 -25.82 2.26
N ASP A 20 18.90 -24.84 1.55
CA ASP A 20 20.28 -24.38 1.82
C ASP A 20 20.40 -23.56 3.12
N MET A 21 19.28 -23.37 3.81
CA MET A 21 19.25 -22.58 5.04
C MET A 21 19.87 -23.30 6.23
N GLY A 22 19.83 -24.64 6.19
CA GLY A 22 20.48 -25.47 7.21
C GLY A 22 21.99 -25.37 7.12
N LYS A 23 22.49 -25.44 5.90
CA LYS A 23 23.92 -25.28 5.59
C LYS A 23 24.48 -24.01 6.24
N TRP A 24 23.70 -22.92 6.14
CA TRP A 24 24.04 -21.64 6.77
C TRP A 24 24.09 -21.74 8.26
N LYS A 25 23.04 -22.32 8.84
CA LYS A 25 22.93 -22.46 10.31
C LYS A 25 24.13 -23.18 10.88
N ARG A 26 24.58 -24.22 10.18
CA ARG A 26 25.65 -25.09 10.66
C ARG A 26 27.06 -24.63 10.29
N SER A 27 27.14 -23.49 9.58
CA SER A 27 28.40 -22.98 9.02
C SER A 27 29.31 -22.27 10.01
N GLN A 28 30.59 -22.19 9.64
CA GLN A 28 31.59 -21.42 10.39
C GLN A 28 31.30 -19.91 10.37
N ALA A 29 30.95 -19.39 9.19
CA ALA A 29 30.58 -17.98 9.06
C ALA A 29 29.57 -17.57 10.12
N TYR A 30 28.46 -18.31 10.22
CA TYR A 30 27.41 -18.00 11.20
C TYR A 30 27.94 -17.95 12.63
N ALA A 31 28.68 -18.98 13.03
CA ALA A 31 29.23 -19.07 14.37
C ALA A 31 30.10 -17.87 14.69
N ASP A 32 30.91 -17.46 13.72
CA ASP A 32 31.80 -16.34 13.88
C ASP A 32 31.03 -15.03 13.97
N TYR A 33 30.14 -14.80 13.00
CA TYR A 33 29.32 -13.60 12.94
C TYR A 33 28.55 -13.36 14.25
N ILE A 34 27.74 -14.34 14.66
CA ILE A 34 26.97 -14.24 15.90
C ILE A 34 27.87 -14.05 17.12
N GLY A 35 28.98 -14.79 17.15
CA GLY A 35 29.99 -14.64 18.20
C GLY A 35 30.67 -13.28 18.15
N PHE A 36 30.72 -12.68 16.97
CA PHE A 36 31.30 -11.35 16.82
C PHE A 36 30.33 -10.27 17.32
N ILE A 37 29.05 -10.38 16.96
CA ILE A 37 28.01 -9.47 17.47
C ILE A 37 27.96 -9.49 19.00
N LEU A 38 27.93 -10.70 19.57
CA LEU A 38 27.81 -10.88 21.02
C LEU A 38 29.01 -10.33 21.79
N THR A 39 30.20 -10.38 21.16
CA THR A 39 31.43 -9.84 21.75
C THR A 39 31.33 -8.32 21.89
N LEU A 40 31.09 -7.63 20.77
CA LEU A 40 30.90 -6.20 20.75
C LEU A 40 29.80 -5.76 21.73
N ASN A 41 28.71 -6.52 21.75
CA ASN A 41 27.61 -6.34 22.70
C ASN A 41 28.11 -6.29 24.15
N GLU A 42 28.98 -7.23 24.50
CA GLU A 42 29.54 -7.38 25.84
C GLU A 42 30.47 -6.22 26.22
N GLY A 43 31.27 -5.77 25.25
CA GLY A 43 32.23 -4.69 25.46
C GLY A 43 31.61 -3.35 25.78
N VAL A 44 30.39 -3.11 25.29
CA VAL A 44 29.73 -1.80 25.46
C VAL A 44 28.66 -1.77 26.55
N LYS A 45 28.53 -2.88 27.27
CA LYS A 45 27.55 -3.02 28.36
C LYS A 45 27.71 -1.92 29.40
N GLY A 46 26.68 -1.11 29.56
CA GLY A 46 26.63 -0.09 30.62
C GLY A 46 27.36 1.21 30.36
N LYS A 47 27.87 1.40 29.13
CA LYS A 47 28.69 2.56 28.80
C LYS A 47 28.01 3.59 27.89
N LYS A 48 28.27 4.86 28.16
CA LYS A 48 27.73 5.95 27.35
C LYS A 48 28.60 6.15 26.12
N LEU A 49 28.05 6.81 25.11
CA LEU A 49 28.80 7.16 23.90
C LEU A 49 29.99 8.07 24.21
N THR A 50 29.84 8.91 25.23
CA THR A 50 30.90 9.85 25.61
C THR A 50 31.94 9.23 26.59
N PHE A 51 31.92 7.91 26.73
CA PHE A 51 32.88 7.21 27.56
C PHE A 51 34.31 7.34 27.01
N GLU A 52 35.28 7.41 27.92
CA GLU A 52 36.69 7.56 27.56
C GLU A 52 37.31 6.21 27.18
N TYR A 53 37.53 6.01 25.88
CA TYR A 53 38.15 4.80 25.36
C TYR A 53 39.28 5.15 24.39
N ARG A 54 40.04 4.14 23.97
CA ARG A 54 41.19 4.36 23.08
C ARG A 54 40.80 4.34 21.60
N VAL A 55 41.44 5.21 20.82
CA VAL A 55 41.22 5.27 19.37
C VAL A 55 42.53 5.09 18.59
N SER A 56 42.64 3.96 17.89
CA SER A 56 43.83 3.62 17.13
C SER A 56 43.86 4.27 15.74
N GLU A 57 44.98 4.08 15.05
CA GLU A 57 45.16 4.56 13.68
C GLU A 57 44.17 3.90 12.70
N ALA A 58 43.91 2.61 12.91
CA ALA A 58 42.99 1.85 12.08
C ALA A 58 41.55 2.37 12.18
N ILE A 59 41.14 2.77 13.39
CA ILE A 59 39.81 3.33 13.62
C ILE A 59 39.67 4.70 12.95
N GLU A 60 40.61 5.60 13.25
CA GLU A 60 40.60 6.96 12.68
C GLU A 60 40.60 6.95 11.15
N LYS A 61 41.16 5.88 10.57
CA LYS A 61 41.19 5.72 9.11
C LYS A 61 39.93 5.04 8.56
N LEU A 62 39.18 4.35 9.41
CA LEU A 62 37.87 3.82 9.00
C LEU A 62 36.82 4.91 8.99
N VAL A 63 36.91 5.84 9.95
CA VAL A 63 36.06 7.02 10.00
C VAL A 63 36.27 7.88 8.76
N ALA A 64 37.54 8.10 8.39
CA ALA A 64 37.89 8.84 7.18
C ALA A 64 37.25 8.19 5.95
N LEU A 65 37.37 6.86 5.87
CA LEU A 65 36.69 6.09 4.83
C LEU A 65 35.21 6.50 4.76
N LEU A 66 34.51 6.42 5.89
CA LEU A 66 33.09 6.79 5.94
C LEU A 66 32.86 8.27 5.61
N ASN A 67 33.80 9.12 5.98
CA ASN A 67 33.72 10.54 5.61
C ASN A 67 33.86 10.76 4.11
N THR A 68 34.66 9.93 3.46
CA THR A 68 34.82 9.95 2.02
C THR A 68 33.49 9.62 1.35
N LEU A 69 32.77 8.64 1.91
CA LEU A 69 31.44 8.27 1.43
C LEU A 69 30.43 9.38 1.68
N ASP A 70 30.57 10.06 2.82
CA ASP A 70 29.76 11.23 3.14
C ASP A 70 30.01 12.34 2.12
N ARG A 71 31.29 12.58 1.82
CA ARG A 71 31.70 13.59 0.86
C ARG A 71 31.10 13.35 -0.53
N TRP A 72 31.02 12.09 -0.93
CA TRP A 72 30.50 11.72 -2.26
C TRP A 72 29.03 11.94 -2.42
N ILE A 73 28.28 11.90 -1.32
CA ILE A 73 26.85 12.22 -1.35
C ILE A 73 26.67 13.72 -1.58
N ASP A 74 27.52 14.52 -0.93
CA ASP A 74 27.53 15.97 -1.14
C ASP A 74 27.83 16.30 -2.60
N GLU A 75 28.76 15.55 -3.19
CA GLU A 75 29.20 15.75 -4.57
C GLU A 75 28.30 15.05 -5.59
N THR A 76 27.24 14.40 -5.11
CA THR A 76 26.28 13.70 -5.95
C THR A 76 24.84 13.98 -5.48
N PRO A 77 24.33 15.20 -5.73
CA PRO A 77 23.01 15.60 -5.25
C PRO A 77 21.89 14.83 -5.97
N PRO A 78 20.67 14.83 -5.41
CA PRO A 78 19.57 14.16 -6.09
C PRO A 78 19.16 14.89 -7.37
N VAL A 79 19.00 14.14 -8.46
CA VAL A 79 18.62 14.71 -9.75
C VAL A 79 17.13 15.03 -9.79
N ASP A 80 16.78 16.10 -10.50
CA ASP A 80 15.39 16.50 -10.67
C ASP A 80 14.79 15.80 -11.89
N GLN A 81 14.82 14.47 -11.86
CA GLN A 81 14.21 13.64 -12.89
C GLN A 81 13.01 12.89 -12.30
N PRO A 82 12.00 12.56 -13.14
CA PRO A 82 10.94 11.66 -12.67
C PRO A 82 11.52 10.28 -12.44
N SER A 83 11.12 9.65 -11.34
CA SER A 83 11.52 8.27 -11.01
C SER A 83 10.40 7.55 -10.28
N ARG A 84 10.46 6.22 -10.30
CA ARG A 84 9.48 5.38 -9.59
C ARG A 84 9.33 5.81 -8.12
N PHE A 85 10.40 5.61 -7.35
CA PHE A 85 10.46 6.06 -5.96
C PHE A 85 11.82 6.65 -5.64
N GLY A 86 12.83 5.78 -5.54
CA GLY A 86 14.18 6.19 -5.21
C GLY A 86 14.78 7.12 -6.25
N ASN A 87 15.64 8.02 -5.81
CA ASN A 87 16.29 8.96 -6.72
C ASN A 87 17.48 8.34 -7.43
N LYS A 88 17.51 8.49 -8.75
CA LYS A 88 18.52 7.85 -9.63
C LYS A 88 19.96 8.26 -9.34
N ALA A 89 20.14 9.40 -8.66
CA ALA A 89 21.45 9.87 -8.23
C ALA A 89 22.14 8.90 -7.28
N TYR A 90 21.35 8.03 -6.65
CA TYR A 90 21.91 6.97 -5.80
C TYR A 90 22.80 6.01 -6.61
N ARG A 91 22.41 5.73 -7.85
CA ARG A 91 23.18 4.83 -8.71
C ARG A 91 24.54 5.41 -9.07
N THR A 92 24.57 6.72 -9.32
CA THR A 92 25.81 7.44 -9.61
C THR A 92 26.74 7.34 -8.42
N TRP A 93 26.20 7.59 -7.23
CA TRP A 93 26.93 7.46 -5.99
C TRP A 93 27.48 6.07 -5.78
N TYR A 94 26.64 5.05 -5.92
CA TYR A 94 27.07 3.67 -5.70
C TYR A 94 28.18 3.22 -6.64
N ALA A 95 28.08 3.65 -7.90
CA ALA A 95 29.10 3.38 -8.93
C ALA A 95 30.49 3.91 -8.53
N LYS A 96 30.53 4.92 -7.67
CA LYS A 96 31.78 5.44 -7.13
C LYS A 96 32.36 4.53 -6.07
N LEU A 97 31.48 3.97 -5.24
CA LEU A 97 31.90 2.98 -4.26
C LEU A 97 32.38 1.71 -4.94
N ASP A 98 31.75 1.35 -6.06
CA ASP A 98 32.16 0.16 -6.81
C ASP A 98 33.57 0.28 -7.37
N GLU A 99 33.87 1.40 -8.02
CA GLU A 99 35.19 1.66 -8.58
C GLU A 99 36.28 1.88 -7.53
N GLU A 100 35.95 2.55 -6.43
CA GLU A 100 36.96 3.00 -5.45
C GLU A 100 37.08 2.19 -4.15
N ALA A 101 36.24 1.16 -4.00
CA ALA A 101 36.18 0.38 -2.76
C ALA A 101 37.52 -0.20 -2.32
N GLU A 102 38.22 -0.85 -3.26
CA GLU A 102 39.49 -1.51 -2.94
C GLU A 102 40.56 -0.51 -2.52
N ASN A 103 40.56 0.67 -3.14
CA ASN A 103 41.50 1.74 -2.79
C ASN A 103 41.24 2.27 -1.38
N LEU A 104 39.97 2.49 -1.06
CA LEU A 104 39.56 2.96 0.27
C LEU A 104 39.92 1.99 1.39
N VAL A 105 39.76 0.70 1.11
CA VAL A 105 40.09 -0.35 2.06
C VAL A 105 41.60 -0.44 2.27
N ALA A 106 42.36 -0.34 1.16
CA ALA A 106 43.82 -0.40 1.21
C ALA A 106 44.48 0.73 2.01
N THR A 107 43.71 1.78 2.30
CA THR A 107 44.15 2.86 3.20
C THR A 107 43.95 2.47 4.67
N VAL A 108 43.13 1.46 4.89
CA VAL A 108 42.87 0.95 6.24
C VAL A 108 43.70 -0.31 6.54
N VAL A 109 43.95 -1.12 5.52
CA VAL A 109 44.71 -2.35 5.68
C VAL A 109 46.19 -2.12 5.32
N PRO A 110 47.12 -2.54 6.22
CA PRO A 110 48.56 -2.45 5.97
C PRO A 110 49.02 -3.25 4.75
N THR A 111 50.09 -2.77 4.11
CA THR A 111 50.57 -3.28 2.82
C THR A 111 50.99 -4.76 2.81
N HIS A 112 51.36 -5.30 3.98
CA HIS A 112 51.73 -6.71 4.09
C HIS A 112 50.53 -7.63 4.03
N LEU A 113 49.37 -7.10 4.38
CA LEU A 113 48.11 -7.84 4.29
C LEU A 113 47.28 -7.40 3.08
N ALA A 114 47.96 -6.81 2.09
CA ALA A 114 47.31 -6.25 0.90
C ALA A 114 46.54 -7.27 0.06
N ALA A 115 46.89 -8.54 0.21
CA ALA A 115 46.21 -9.62 -0.51
C ALA A 115 44.77 -9.80 -0.03
N ALA A 116 44.49 -9.34 1.19
CA ALA A 116 43.16 -9.44 1.80
C ALA A 116 42.17 -8.37 1.32
N VAL A 117 42.69 -7.31 0.71
CA VAL A 117 41.87 -6.19 0.25
C VAL A 117 40.72 -6.59 -0.70
N PRO A 118 40.98 -7.46 -1.71
CA PRO A 118 39.89 -7.84 -2.61
C PRO A 118 38.71 -8.53 -1.91
N GLU A 119 39.00 -9.45 -0.99
CA GLU A 119 37.96 -10.15 -0.24
C GLU A 119 37.17 -9.23 0.69
N VAL A 120 37.89 -8.46 1.51
CA VAL A 120 37.30 -7.58 2.51
C VAL A 120 36.43 -6.48 1.90
N ALA A 121 36.87 -5.90 0.79
CA ALA A 121 36.15 -4.83 0.12
C ALA A 121 34.75 -5.24 -0.41
N VAL A 122 34.57 -6.51 -0.70
CA VAL A 122 33.26 -7.01 -1.17
C VAL A 122 32.18 -6.68 -0.14
N TYR A 123 32.45 -6.96 1.14
CA TYR A 123 31.46 -6.75 2.20
C TYR A 123 31.02 -5.29 2.36
N LEU A 124 31.97 -4.36 2.23
CA LEU A 124 31.67 -2.92 2.21
C LEU A 124 30.79 -2.54 1.01
N LYS A 125 31.09 -3.11 -0.16
CA LYS A 125 30.28 -2.90 -1.35
C LYS A 125 28.85 -3.40 -1.19
N GLU A 126 28.64 -4.35 -0.28
CA GLU A 126 27.32 -4.93 -0.02
C GLU A 126 26.62 -4.27 1.16
N SER A 127 27.21 -3.22 1.72
CA SER A 127 26.75 -2.70 3.01
C SER A 127 26.02 -1.35 2.96
N VAL A 128 25.69 -0.86 1.77
CA VAL A 128 25.14 0.49 1.60
C VAL A 128 23.84 0.53 0.79
N GLY A 129 23.25 -0.64 0.56
CA GLY A 129 21.99 -0.73 -0.16
C GLY A 129 22.13 -1.25 -1.57
N ASN A 130 21.01 -1.60 -2.18
CA ASN A 130 20.99 -2.16 -3.54
C ASN A 130 20.85 -1.09 -4.62
N SER A 131 21.80 -1.09 -5.56
CA SER A 131 21.88 -0.08 -6.60
C SER A 131 20.70 -0.11 -7.56
N THR A 132 20.21 -1.31 -7.84
CA THR A 132 19.13 -1.52 -8.81
C THR A 132 17.78 -1.17 -8.21
N ARG A 133 17.55 -1.56 -6.96
CA ARG A 133 16.26 -1.36 -6.33
C ARG A 133 16.16 -0.03 -5.59
N ILE A 134 17.32 0.61 -5.38
CA ILE A 134 17.46 1.79 -4.49
C ILE A 134 16.88 1.44 -3.09
N ASP A 135 17.51 0.43 -2.49
CA ASP A 135 17.05 -0.27 -1.30
C ASP A 135 18.02 -0.10 -0.18
N TYR A 136 17.55 -0.31 1.04
CA TYR A 136 18.41 -0.58 2.18
C TYR A 136 17.64 -1.42 3.18
N GLY A 137 18.29 -2.45 3.68
CA GLY A 137 17.68 -3.32 4.67
C GLY A 137 18.70 -3.78 5.68
N THR A 138 18.22 -4.58 6.64
CA THR A 138 19.06 -5.13 7.71
C THR A 138 20.16 -6.05 7.16
N GLY A 139 19.95 -6.60 5.98
CA GLY A 139 20.96 -7.39 5.26
C GLY A 139 22.20 -6.58 4.89
N HIS A 140 22.01 -5.32 4.49
CA HIS A 140 23.12 -4.42 4.21
C HIS A 140 23.85 -4.06 5.49
N GLU A 141 23.07 -3.75 6.52
CA GLU A 141 23.58 -3.51 7.86
C GLU A 141 24.44 -4.69 8.36
N ALA A 142 23.98 -5.91 8.07
CA ALA A 142 24.70 -7.13 8.45
C ALA A 142 26.04 -7.23 7.72
N ALA A 143 26.03 -6.88 6.43
CA ALA A 143 27.23 -6.91 5.61
C ALA A 143 28.33 -5.99 6.17
N PHE A 144 27.92 -4.86 6.74
CA PHE A 144 28.88 -3.94 7.36
C PHE A 144 29.49 -4.52 8.62
N ALA A 145 28.68 -5.21 9.40
CA ALA A 145 29.16 -5.92 10.56
C ALA A 145 30.14 -7.01 10.12
N ALA A 146 29.80 -7.69 9.02
CA ALA A 146 30.64 -8.74 8.45
C ALA A 146 31.95 -8.16 7.94
N PHE A 147 31.84 -6.98 7.33
CA PHE A 147 33.00 -6.21 6.90
C PHE A 147 33.94 -6.00 8.08
N LEU A 148 33.42 -5.39 9.14
CA LEU A 148 34.19 -5.14 10.37
C LEU A 148 34.76 -6.42 10.97
N CYS A 149 33.97 -7.49 10.92
CA CYS A 149 34.39 -8.80 11.43
C CYS A 149 35.66 -9.30 10.73
N CYS A 150 35.72 -9.11 9.42
CA CYS A 150 36.87 -9.48 8.60
C CYS A 150 38.14 -8.73 9.00
N LEU A 151 37.98 -7.47 9.40
CA LEU A 151 39.12 -6.65 9.80
C LEU A 151 39.72 -7.12 11.11
N CYS A 152 38.90 -7.75 11.95
CA CYS A 152 39.38 -8.36 13.19
C CYS A 152 40.13 -9.67 12.92
N LYS A 153 39.56 -10.51 12.06
CA LYS A 153 40.13 -11.82 11.75
C LYS A 153 41.50 -11.72 11.11
N ILE A 154 41.77 -10.59 10.45
CA ILE A 154 43.09 -10.36 9.84
C ILE A 154 43.99 -9.50 10.75
N GLY A 155 43.47 -9.14 11.92
CA GLY A 155 44.25 -8.48 12.96
C GLY A 155 44.41 -6.98 12.82
N VAL A 156 43.82 -6.40 11.78
CA VAL A 156 43.83 -4.95 11.58
C VAL A 156 43.22 -4.24 12.79
N LEU A 157 42.01 -4.67 13.16
CA LEU A 157 41.40 -4.23 14.41
C LEU A 157 41.70 -5.24 15.51
N ARG A 158 41.90 -4.74 16.71
CA ARG A 158 42.29 -5.58 17.84
C ARG A 158 41.24 -5.53 18.95
N VAL A 159 41.46 -6.31 20.00
CA VAL A 159 40.57 -6.41 21.16
C VAL A 159 40.28 -5.06 21.83
N ASP A 160 41.31 -4.21 21.93
CA ASP A 160 41.16 -2.87 22.53
C ASP A 160 40.26 -1.94 21.71
N ASP A 161 40.11 -2.24 20.43
CA ASP A 161 39.27 -1.44 19.53
C ASP A 161 37.78 -1.75 19.62
N GLN A 162 37.43 -2.81 20.38
CA GLN A 162 36.05 -3.28 20.49
C GLN A 162 35.00 -2.21 20.81
N ILE A 163 35.34 -1.28 21.69
CA ILE A 163 34.43 -0.20 22.05
C ILE A 163 34.40 0.86 20.93
N ALA A 164 35.58 1.17 20.38
CA ALA A 164 35.70 2.13 19.30
C ALA A 164 34.89 1.72 18.06
N ILE A 165 34.98 0.43 17.71
CA ILE A 165 34.24 -0.14 16.59
C ILE A 165 32.75 0.22 16.67
N VAL A 166 32.13 0.02 17.82
CA VAL A 166 30.70 0.27 17.98
C VAL A 166 30.41 1.78 18.14
N PHE A 167 31.15 2.44 19.03
CA PHE A 167 30.85 3.82 19.40
C PHE A 167 31.32 4.85 18.38
N LYS A 168 32.42 4.60 17.69
CA LYS A 168 32.92 5.56 16.71
C LYS A 168 32.63 5.14 15.26
N VAL A 169 33.04 3.94 14.88
CA VAL A 169 32.94 3.50 13.47
C VAL A 169 31.53 3.09 13.07
N PHE A 170 30.90 2.20 13.83
CA PHE A 170 29.54 1.79 13.50
C PHE A 170 28.54 2.95 13.69
N ASN A 171 28.79 3.80 14.69
CA ASN A 171 27.93 4.94 14.95
C ASN A 171 27.97 5.98 13.82
N ARG A 172 29.17 6.23 13.29
CA ARG A 172 29.34 7.14 12.15
C ARG A 172 28.70 6.54 10.92
N TYR A 173 28.82 5.22 10.78
CA TYR A 173 28.21 4.48 9.69
C TYR A 173 26.70 4.74 9.60
N LEU A 174 26.03 4.76 10.75
CA LEU A 174 24.59 4.97 10.80
C LEU A 174 24.19 6.37 10.31
N GLU A 175 24.99 7.37 10.66
CA GLU A 175 24.78 8.74 10.19
C GLU A 175 24.80 8.82 8.66
N VAL A 176 25.74 8.09 8.07
CA VAL A 176 25.92 8.07 6.61
C VAL A 176 24.77 7.34 5.91
N MET A 177 24.27 6.27 6.52
CA MET A 177 23.13 5.54 5.98
C MET A 177 21.86 6.37 6.10
N ARG A 178 21.68 7.02 7.24
CA ARG A 178 20.51 7.86 7.47
C ARG A 178 20.48 8.96 6.42
N LYS A 179 21.65 9.53 6.16
CA LYS A 179 21.80 10.55 5.12
C LYS A 179 21.42 10.00 3.75
N LEU A 180 21.93 8.81 3.41
CA LEU A 180 21.61 8.14 2.15
C LEU A 180 20.11 7.92 2.00
N GLN A 181 19.49 7.39 3.06
CA GLN A 181 18.06 7.11 3.07
C GLN A 181 17.23 8.38 2.86
N LYS A 182 17.60 9.47 3.53
CA LYS A 182 16.94 10.76 3.34
C LYS A 182 17.20 11.33 1.96
N THR A 183 18.48 11.54 1.63
CA THR A 183 18.89 12.26 0.43
C THR A 183 18.35 11.66 -0.87
N TYR A 184 18.54 10.35 -1.04
CA TYR A 184 18.15 9.67 -2.27
C TYR A 184 16.77 9.03 -2.22
N ARG A 185 16.05 9.26 -1.12
CA ARG A 185 14.69 8.74 -0.91
C ARG A 185 14.68 7.23 -1.13
N MET A 186 15.51 6.54 -0.36
CA MET A 186 15.62 5.09 -0.45
C MET A 186 14.46 4.42 0.24
N GLU A 187 14.03 3.27 -0.28
CA GLU A 187 12.96 2.50 0.34
C GLU A 187 13.49 1.31 1.15
N PRO A 188 12.65 0.78 2.07
CA PRO A 188 13.06 -0.32 2.93
C PRO A 188 13.11 -1.66 2.22
N ALA A 189 14.29 -2.29 2.20
CA ALA A 189 14.43 -3.64 1.70
C ALA A 189 13.99 -4.64 2.77
N GLY A 190 12.87 -5.30 2.52
CA GLY A 190 12.41 -6.40 3.36
C GLY A 190 11.90 -5.99 4.73
N SER A 191 11.24 -4.83 4.79
CA SER A 191 10.59 -4.40 6.03
C SER A 191 9.44 -5.32 6.37
N GLN A 192 9.35 -5.68 7.65
CA GLN A 192 8.30 -6.56 8.12
C GLN A 192 7.07 -5.77 8.58
N GLY A 193 7.11 -4.46 8.33
CA GLY A 193 5.99 -3.59 8.70
C GLY A 193 5.78 -3.55 10.21
N VAL A 194 4.52 -3.65 10.62
CA VAL A 194 4.12 -3.50 12.04
C VAL A 194 4.56 -4.69 12.92
N TRP A 195 5.35 -5.59 12.33
CA TRP A 195 5.81 -6.81 12.99
C TRP A 195 7.31 -6.83 13.10
N GLY A 196 7.96 -5.88 12.45
CA GLY A 196 9.41 -5.75 12.51
C GLY A 196 9.86 -4.67 13.48
N LEU A 197 11.13 -4.70 13.84
CA LEU A 197 11.70 -3.76 14.79
C LEU A 197 11.79 -2.36 14.18
N ASP A 198 12.51 -2.27 13.07
CA ASP A 198 12.57 -1.05 12.28
C ASP A 198 12.65 -1.48 10.81
N ASP A 199 12.30 -0.57 9.91
CA ASP A 199 12.33 -0.86 8.48
C ASP A 199 13.74 -1.00 7.94
N PHE A 200 14.69 -0.29 8.55
CA PHE A 200 16.05 -0.19 8.00
C PHE A 200 17.11 -0.85 8.88
N GLN A 201 17.04 -0.64 10.19
CA GLN A 201 18.11 -1.07 11.09
C GLN A 201 17.67 -2.13 12.08
N PHE A 202 18.64 -2.85 12.63
CA PHE A 202 18.40 -3.79 13.73
C PHE A 202 19.51 -3.69 14.77
N LEU A 203 20.76 -3.92 14.34
CA LEU A 203 21.92 -4.00 15.24
C LEU A 203 22.10 -2.87 16.27
N PRO A 204 21.88 -1.59 15.87
CA PRO A 204 22.03 -0.53 16.88
C PRO A 204 21.07 -0.70 18.06
N PHE A 205 19.92 -1.32 17.84
CA PHE A 205 18.97 -1.59 18.92
C PHE A 205 19.50 -2.63 19.92
N ILE A 206 20.29 -3.58 19.44
CA ILE A 206 20.92 -4.57 20.30
C ILE A 206 22.02 -3.90 21.12
N TRP A 207 23.07 -3.45 20.44
CA TRP A 207 24.19 -2.76 21.11
C TRP A 207 23.72 -1.58 21.93
N GLY A 208 22.75 -0.84 21.41
CA GLY A 208 22.16 0.30 22.13
C GLY A 208 21.59 -0.08 23.48
N SER A 209 20.78 -1.13 23.52
CA SER A 209 20.14 -1.59 24.75
C SER A 209 21.17 -2.15 25.72
N SER A 210 22.30 -2.63 25.19
CA SER A 210 23.38 -3.12 26.02
C SER A 210 23.94 -2.01 26.90
N GLN A 211 24.08 -0.81 26.32
CA GLN A 211 24.54 0.38 27.06
C GLN A 211 23.63 0.70 28.23
N LEU A 212 22.34 0.49 28.03
CA LEU A 212 21.34 0.88 29.01
C LEU A 212 21.03 -0.22 30.03
N ILE A 213 21.77 -1.33 29.96
CA ILE A 213 21.65 -2.40 30.94
C ILE A 213 22.07 -1.90 32.33
N ASP A 214 21.17 -2.05 33.30
CA ASP A 214 21.38 -1.61 34.68
C ASP A 214 21.57 -0.09 34.81
N HIS A 215 20.86 0.66 33.96
CA HIS A 215 20.87 2.12 34.05
C HIS A 215 20.18 2.56 35.31
N PRO A 216 20.74 3.57 36.00
CA PRO A 216 20.15 4.04 37.26
C PRO A 216 18.68 4.50 37.16
N TYR A 217 18.34 5.25 36.11
CA TYR A 217 17.00 5.84 36.02
C TYR A 217 16.25 5.61 34.69
N LEU A 218 16.98 5.33 33.61
CA LEU A 218 16.35 5.02 32.32
C LEU A 218 15.92 3.54 32.20
N GLU A 219 14.62 3.33 32.07
CA GLU A 219 14.03 2.01 31.85
C GLU A 219 13.40 2.02 30.46
N PRO A 220 13.15 0.83 29.87
CA PRO A 220 12.55 0.73 28.53
C PRO A 220 11.31 1.61 28.31
N ARG A 221 10.57 1.94 29.36
CA ARG A 221 9.38 2.77 29.22
C ARG A 221 9.70 4.22 28.86
N HIS A 222 10.96 4.61 29.05
CA HIS A 222 11.38 6.00 28.88
C HIS A 222 11.67 6.41 27.46
N PHE A 223 11.83 5.46 26.55
CA PHE A 223 12.15 5.84 25.17
C PHE A 223 10.95 6.29 24.35
N VAL A 224 9.74 5.97 24.81
CA VAL A 224 8.52 6.52 24.21
C VAL A 224 8.14 7.88 24.81
N ASP A 225 9.07 8.46 25.59
CA ASP A 225 8.92 9.80 26.15
C ASP A 225 9.87 10.75 25.42
N GLU A 226 9.28 11.66 24.64
CA GLU A 226 10.03 12.63 23.82
C GLU A 226 11.15 13.31 24.60
N LYS A 227 10.83 13.82 25.80
CA LYS A 227 11.78 14.59 26.60
C LYS A 227 13.00 13.78 27.02
N ALA A 228 12.76 12.57 27.52
CA ALA A 228 13.84 11.66 27.90
C ALA A 228 14.81 11.39 26.73
N VAL A 229 14.25 11.19 25.54
CA VAL A 229 15.03 10.94 24.33
C VAL A 229 15.92 12.13 23.95
N ASN A 230 15.33 13.32 23.88
CA ASN A 230 16.06 14.53 23.48
C ASN A 230 17.19 14.92 24.45
N GLU A 231 16.96 14.63 25.72
CA GLU A 231 17.93 14.94 26.78
C GLU A 231 19.05 13.91 26.93
N ASN A 232 18.97 12.81 26.19
CA ASN A 232 19.88 11.69 26.42
C ASN A 232 20.42 10.99 25.17
N HIS A 233 19.96 11.40 24.00
CA HIS A 233 20.30 10.70 22.74
C HIS A 233 21.76 10.84 22.36
N LYS A 234 22.39 11.91 22.84
CA LYS A 234 23.82 12.13 22.64
C LYS A 234 24.68 11.02 23.25
N ASP A 235 24.09 10.30 24.21
CA ASP A 235 24.78 9.26 24.97
C ASP A 235 24.41 7.83 24.60
N TYR A 236 23.20 7.66 24.07
CA TYR A 236 22.68 6.31 23.82
C TYR A 236 22.18 6.08 22.40
N MET A 237 22.79 5.09 21.75
CA MET A 237 22.53 4.70 20.37
C MET A 237 21.07 4.29 20.11
N PHE A 238 20.48 3.60 21.09
CA PHE A 238 19.08 3.18 21.02
C PHE A 238 18.18 4.40 20.90
N LEU A 239 18.46 5.43 21.70
CA LEU A 239 17.63 6.63 21.72
C LEU A 239 17.77 7.45 20.44
N GLU A 240 18.97 7.44 19.86
CA GLU A 240 19.22 8.09 18.58
C GLU A 240 18.34 7.50 17.49
N CYS A 241 18.23 6.17 17.48
CA CYS A 241 17.37 5.42 16.56
C CYS A 241 15.91 5.79 16.73
N ILE A 242 15.51 6.06 17.97
CA ILE A 242 14.14 6.49 18.26
C ILE A 242 13.91 7.91 17.74
N LEU A 243 14.94 8.75 17.87
CA LEU A 243 14.87 10.13 17.43
C LEU A 243 14.67 10.21 15.91
N PHE A 244 15.36 9.35 15.18
CA PHE A 244 15.21 9.24 13.73
C PHE A 244 13.82 8.76 13.34
N ILE A 245 13.28 7.81 14.11
CA ILE A 245 11.92 7.31 13.88
C ILE A 245 10.85 8.37 14.12
N THR A 246 11.00 9.17 15.18
CA THR A 246 10.04 10.24 15.45
C THR A 246 10.16 11.36 14.42
N GLU A 247 11.35 11.45 13.81
CA GLU A 247 11.65 12.45 12.80
C GLU A 247 11.16 12.01 11.41
N MET A 248 11.16 10.70 11.15
CA MET A 248 10.88 10.20 9.79
C MET A 248 9.50 9.57 9.60
N LYS A 249 8.79 9.27 10.69
CA LYS A 249 7.51 8.56 10.59
C LYS A 249 6.33 9.40 11.06
N THR A 250 5.15 9.05 10.54
CA THR A 250 3.93 9.80 10.82
C THR A 250 3.01 9.05 11.77
N GLY A 251 2.29 9.80 12.58
CA GLY A 251 1.26 9.25 13.46
C GLY A 251 1.72 9.19 14.90
N PRO A 252 0.89 8.64 15.79
CA PRO A 252 1.36 8.35 17.14
C PRO A 252 2.35 7.19 17.11
N PHE A 253 3.34 7.21 18.02
CA PHE A 253 4.35 6.15 18.11
C PHE A 253 3.74 4.75 18.10
N ALA A 254 2.71 4.55 18.93
CA ALA A 254 2.03 3.26 19.06
C ALA A 254 1.51 2.73 17.71
N GLU A 255 1.24 3.64 16.78
CA GLU A 255 0.81 3.26 15.44
C GLU A 255 1.96 2.83 14.52
N HIS A 256 2.92 3.73 14.31
CA HIS A 256 3.98 3.47 13.33
C HIS A 256 4.99 2.42 13.73
N SER A 257 5.40 2.46 14.99
CA SER A 257 6.39 1.52 15.50
C SER A 257 5.80 0.57 16.53
N ASN A 258 4.94 -0.35 16.07
CA ASN A 258 4.20 -1.26 16.95
C ASN A 258 5.06 -2.12 17.86
N GLN A 259 6.10 -2.74 17.29
CA GLN A 259 6.99 -3.63 18.04
C GLN A 259 7.81 -2.91 19.09
N LEU A 260 8.25 -1.69 18.77
CA LEU A 260 8.97 -0.88 19.74
C LEU A 260 8.07 -0.39 20.85
N TRP A 261 6.79 -0.14 20.53
CA TRP A 261 5.82 0.24 21.54
C TRP A 261 5.62 -0.87 22.54
N ASN A 262 5.66 -2.12 22.09
CA ASN A 262 5.57 -3.29 22.96
C ASN A 262 6.78 -3.42 23.86
N ILE A 263 7.95 -3.14 23.29
CA ILE A 263 9.21 -3.22 23.99
C ILE A 263 9.31 -2.22 25.15
N SER A 264 8.71 -1.04 25.00
CA SER A 264 8.70 -0.05 26.08
C SER A 264 8.02 -0.57 27.35
N ALA A 265 7.20 -1.60 27.18
CA ALA A 265 6.50 -2.25 28.29
C ALA A 265 7.28 -3.43 28.89
N VAL A 266 8.55 -3.55 28.54
CA VAL A 266 9.42 -4.61 29.07
C VAL A 266 10.14 -4.09 30.33
N PRO A 267 10.16 -4.89 31.42
CA PRO A 267 10.59 -4.38 32.73
C PRO A 267 12.01 -3.82 32.80
N SER A 268 12.95 -4.43 32.06
CA SER A 268 14.36 -4.03 32.15
C SER A 268 15.08 -4.10 30.81
N TRP A 269 16.07 -3.22 30.65
CA TRP A 269 16.90 -3.20 29.45
C TRP A 269 17.61 -4.49 29.25
N SER A 270 17.92 -5.16 30.37
CA SER A 270 18.47 -6.50 30.37
C SER A 270 17.66 -7.45 29.49
N LYS A 271 16.37 -7.62 29.81
CA LYS A 271 15.47 -8.47 29.03
C LYS A 271 15.26 -8.00 27.59
N VAL A 272 15.41 -6.69 27.37
CA VAL A 272 15.35 -6.12 26.02
C VAL A 272 16.52 -6.60 25.17
N ASN A 273 17.73 -6.46 25.70
CA ASN A 273 18.93 -6.95 25.02
C ASN A 273 18.85 -8.45 24.79
N GLN A 274 18.41 -9.17 25.82
CA GLN A 274 18.27 -10.61 25.75
C GLN A 274 17.31 -11.01 24.64
N GLY A 275 16.13 -10.38 24.62
CA GLY A 275 15.09 -10.69 23.64
C GLY A 275 15.45 -10.29 22.23
N LEU A 276 16.11 -9.15 22.08
CA LEU A 276 16.54 -8.66 20.77
C LEU A 276 17.56 -9.57 20.10
N ILE A 277 18.43 -10.18 20.89
CA ILE A 277 19.35 -11.19 20.38
C ILE A 277 18.58 -12.37 19.81
N ARG A 278 17.58 -12.88 20.56
CA ARG A 278 16.78 -13.99 20.09
C ARG A 278 16.05 -13.60 18.81
N MET A 279 15.49 -12.39 18.81
CA MET A 279 14.71 -11.87 17.69
C MET A 279 15.56 -11.67 16.43
N TYR A 280 16.79 -11.20 16.63
CA TYR A 280 17.74 -10.99 15.52
C TYR A 280 18.07 -12.29 14.81
N LYS A 281 18.32 -13.34 15.58
CA LYS A 281 18.52 -14.66 15.01
C LYS A 281 17.26 -15.14 14.29
N ALA A 282 16.11 -14.95 14.95
CA ALA A 282 14.83 -15.43 14.45
C ALA A 282 14.33 -14.71 13.20
N GLU A 283 14.58 -13.41 13.12
CA GLU A 283 13.92 -12.56 12.11
C GLU A 283 14.84 -12.06 11.01
N CYS A 284 16.14 -12.15 11.23
CA CYS A 284 17.11 -11.76 10.23
C CYS A 284 17.98 -12.93 9.79
N LEU A 285 18.69 -13.54 10.75
CA LEU A 285 19.67 -14.57 10.44
C LEU A 285 19.08 -15.94 10.12
N GLU A 286 17.76 -16.04 10.15
CA GLU A 286 17.05 -17.29 9.83
C GLU A 286 15.94 -17.08 8.81
N LYS A 287 16.01 -15.95 8.13
CA LYS A 287 15.04 -15.59 7.10
C LYS A 287 15.73 -15.63 5.73
N PHE A 288 15.26 -16.53 4.89
CA PHE A 288 15.89 -16.80 3.59
C PHE A 288 16.03 -15.57 2.68
N PRO A 289 14.97 -14.74 2.54
CA PRO A 289 15.09 -13.60 1.63
C PRO A 289 16.17 -12.58 2.04
N VAL A 290 16.67 -12.69 3.26
CA VAL A 290 17.79 -11.89 3.73
C VAL A 290 19.11 -12.63 3.49
N ILE A 291 19.17 -13.87 3.94
CA ILE A 291 20.41 -14.66 3.89
C ILE A 291 20.82 -15.06 2.47
N GLN A 292 19.87 -15.18 1.56
CA GLN A 292 20.19 -15.53 0.17
C GLN A 292 21.26 -14.63 -0.42
N HIS A 293 21.42 -13.43 0.16
CA HIS A 293 22.33 -12.40 -0.36
C HIS A 293 23.64 -12.32 0.38
N PHE A 294 23.83 -13.20 1.36
CA PHE A 294 25.08 -13.27 2.09
C PHE A 294 26.18 -13.85 1.21
N LYS A 295 27.40 -13.40 1.45
CA LYS A 295 28.52 -13.86 0.66
C LYS A 295 29.59 -14.49 1.53
N PHE A 296 30.13 -15.61 1.07
CA PHE A 296 31.08 -16.41 1.84
C PHE A 296 32.43 -16.53 1.13
N GLY A 297 33.50 -16.37 1.89
CA GLY A 297 34.85 -16.46 1.34
C GLY A 297 35.73 -17.34 2.20
N SER A 298 36.93 -16.86 2.50
CA SER A 298 37.87 -17.57 3.36
C SER A 298 37.72 -17.16 4.82
N LEU A 299 37.35 -15.90 5.04
CA LEU A 299 37.23 -15.33 6.38
C LEU A 299 35.93 -15.72 7.06
N LEU A 300 34.84 -15.59 6.31
CA LEU A 300 33.54 -16.03 6.77
C LEU A 300 33.05 -17.09 5.78
N PRO A 301 33.40 -18.36 6.03
CA PRO A 301 33.15 -19.45 5.08
C PRO A 301 31.87 -20.25 5.34
N ILE A 302 31.41 -20.99 4.33
CA ILE A 302 30.20 -21.79 4.45
C ILE A 302 30.45 -23.20 5.01
N HIS A 303 31.72 -23.63 5.06
CA HIS A 303 32.05 -24.97 5.58
C HIS A 303 31.64 -25.11 7.02
N PRO A 304 31.19 -26.32 7.42
CA PRO A 304 30.72 -26.53 8.79
C PRO A 304 31.71 -26.07 9.85
N VAL A 305 31.19 -25.46 10.90
CA VAL A 305 31.99 -24.92 12.00
C VAL A 305 33.13 -25.87 12.43
N THR A 306 34.35 -25.32 12.47
CA THR A 306 35.55 -26.00 13.01
C THR A 306 36.37 -25.06 13.88
N SER B 29 -24.28 44.77 14.09
CA SER B 29 -24.41 43.39 14.65
C SER B 29 -23.18 42.54 14.37
N MET B 30 -22.68 42.64 13.14
CA MET B 30 -21.51 41.89 12.69
C MET B 30 -20.60 42.72 11.80
N SER B 31 -20.76 44.04 11.85
CA SER B 31 -19.97 44.94 11.00
C SER B 31 -18.55 45.19 11.54
N LEU B 32 -18.23 44.57 12.68
CA LEU B 32 -16.88 44.58 13.21
C LEU B 32 -16.22 43.18 13.18
N TYR B 33 -16.85 42.24 12.51
CA TYR B 33 -16.30 40.89 12.36
C TYR B 33 -14.99 40.92 11.55
N PRO B 34 -13.92 40.30 12.08
CA PRO B 34 -12.66 40.25 11.35
C PRO B 34 -12.72 39.27 10.17
N ILE B 35 -13.46 39.67 9.14
CA ILE B 35 -13.72 38.78 8.01
C ILE B 35 -12.49 38.47 7.15
N ALA B 36 -11.52 39.40 7.13
CA ALA B 36 -10.27 39.19 6.41
C ALA B 36 -9.51 37.98 6.96
N VAL B 37 -9.49 37.83 8.28
CA VAL B 37 -8.88 36.66 8.95
C VAL B 37 -9.54 35.35 8.50
N LEU B 38 -10.86 35.38 8.32
CA LEU B 38 -11.60 34.21 7.89
C LEU B 38 -11.26 33.81 6.46
N ILE B 39 -11.19 34.81 5.57
CA ILE B 39 -10.89 34.60 4.17
C ILE B 39 -9.49 33.99 3.98
N ASP B 40 -8.53 34.43 4.79
CA ASP B 40 -7.18 33.86 4.80
C ASP B 40 -7.20 32.38 5.20
N GLU B 41 -8.10 32.04 6.11
CA GLU B 41 -8.25 30.67 6.61
C GLU B 41 -8.95 29.76 5.58
N LEU B 42 -9.81 30.36 4.76
CA LEU B 42 -10.52 29.62 3.71
C LEU B 42 -9.64 29.35 2.49
N ARG B 43 -8.68 30.24 2.25
CA ARG B 43 -7.76 30.15 1.12
C ARG B 43 -6.41 29.56 1.53
N ASN B 44 -6.35 29.01 2.74
CA ASN B 44 -5.08 28.57 3.32
C ASN B 44 -4.53 27.31 2.67
N GLU B 45 -3.20 27.26 2.51
CA GLU B 45 -2.50 26.12 1.92
C GLU B 45 -2.69 24.86 2.76
N ASP B 46 -2.70 25.06 4.08
CA ASP B 46 -2.97 23.98 5.03
C ASP B 46 -4.42 23.54 4.93
N VAL B 47 -4.61 22.23 4.76
CA VAL B 47 -5.93 21.65 4.54
C VAL B 47 -6.80 21.76 5.79
N GLN B 48 -6.20 21.52 6.95
CA GLN B 48 -6.95 21.47 8.21
C GLN B 48 -7.62 22.80 8.53
N LEU B 49 -7.00 23.90 8.13
CA LEU B 49 -7.56 25.21 8.39
C LEU B 49 -8.67 25.58 7.41
N ARG B 50 -8.60 25.00 6.21
CA ARG B 50 -9.71 25.07 5.25
C ARG B 50 -10.95 24.39 5.83
N LEU B 51 -10.76 23.16 6.30
CA LEU B 51 -11.87 22.37 6.85
C LEU B 51 -12.47 23.00 8.09
N ASN B 52 -11.62 23.57 8.94
CA ASN B 52 -12.07 24.19 10.18
C ASN B 52 -12.82 25.51 9.98
N SER B 53 -12.44 26.27 8.95
CA SER B 53 -13.11 27.52 8.62
C SER B 53 -14.48 27.28 7.97
N ILE B 54 -14.60 26.15 7.26
CA ILE B 54 -15.88 25.73 6.67
C ILE B 54 -16.91 25.39 7.77
N LYS B 55 -16.43 24.76 8.84
CA LYS B 55 -17.28 24.42 9.99
C LYS B 55 -17.92 25.66 10.65
N LYS B 56 -17.31 26.82 10.45
CA LYS B 56 -17.81 28.08 11.00
C LYS B 56 -18.91 28.68 10.14
N LEU B 57 -18.76 28.57 8.82
CA LEU B 57 -19.65 29.19 7.83
C LEU B 57 -21.14 29.10 8.15
N SER B 58 -21.59 27.93 8.61
CA SER B 58 -22.97 27.71 8.99
C SER B 58 -23.49 28.82 9.92
N THR B 59 -22.85 28.98 11.07
CA THR B 59 -23.25 29.98 12.06
C THR B 59 -22.88 31.41 11.63
N ILE B 60 -21.70 31.58 11.03
CA ILE B 60 -21.17 32.90 10.64
C ILE B 60 -22.04 33.57 9.55
N ALA B 61 -22.36 32.82 8.51
CA ALA B 61 -23.13 33.34 7.38
C ALA B 61 -24.53 33.81 7.78
N LEU B 62 -25.13 33.15 8.77
CA LEU B 62 -26.44 33.56 9.30
C LEU B 62 -26.36 34.93 9.96
N ALA B 63 -25.35 35.11 10.80
CA ALA B 63 -25.16 36.36 11.53
C ALA B 63 -24.69 37.49 10.61
N LEU B 64 -24.03 37.13 9.52
CA LEU B 64 -23.48 38.09 8.57
C LEU B 64 -24.52 38.60 7.56
N GLY B 65 -25.62 37.86 7.43
CA GLY B 65 -26.73 38.26 6.57
C GLY B 65 -26.58 37.87 5.11
N VAL B 66 -27.71 37.79 4.41
CA VAL B 66 -27.75 37.39 3.00
C VAL B 66 -26.81 38.20 2.11
N GLU B 67 -26.89 39.53 2.20
CA GLU B 67 -26.13 40.40 1.32
C GLU B 67 -24.61 40.29 1.48
N ARG B 68 -24.12 40.26 2.72
CA ARG B 68 -22.67 40.23 2.96
C ARG B 68 -22.03 38.88 2.64
N THR B 69 -22.74 37.79 2.87
CA THR B 69 -22.18 36.47 2.55
C THR B 69 -22.16 36.28 1.04
N ARG B 70 -23.16 36.83 0.37
CA ARG B 70 -23.26 36.77 -1.09
C ARG B 70 -22.15 37.57 -1.78
N SER B 71 -21.82 38.73 -1.23
CA SER B 71 -20.80 39.61 -1.79
C SER B 71 -19.37 39.31 -1.33
N GLU B 72 -19.24 38.85 -0.08
CA GLU B 72 -17.93 38.74 0.56
C GLU B 72 -17.47 37.31 0.81
N LEU B 73 -18.40 36.36 0.85
CA LEU B 73 -18.05 34.97 1.19
C LEU B 73 -18.24 33.95 0.08
N LEU B 74 -19.20 34.21 -0.81
CA LEU B 74 -19.62 33.25 -1.82
C LEU B 74 -18.56 32.92 -2.89
N PRO B 75 -17.76 33.93 -3.33
CA PRO B 75 -16.69 33.60 -4.28
C PRO B 75 -15.64 32.61 -3.74
N PHE B 76 -15.53 32.50 -2.43
CA PHE B 76 -14.55 31.62 -1.80
C PHE B 76 -15.15 30.24 -1.54
N ILE B 77 -16.45 30.22 -1.28
CA ILE B 77 -17.21 28.98 -1.19
C ILE B 77 -17.22 28.26 -2.54
N VAL B 78 -17.34 29.03 -3.63
CA VAL B 78 -17.34 28.47 -4.98
C VAL B 78 -15.99 27.86 -5.37
N GLU B 79 -14.90 28.55 -5.02
CA GLU B 79 -13.55 27.98 -5.18
C GLU B 79 -13.44 26.61 -4.51
N LEU B 80 -13.88 26.54 -3.26
CA LEU B 80 -13.76 25.34 -2.42
C LEU B 80 -14.64 24.18 -2.90
N ALA B 81 -15.66 24.50 -3.68
CA ALA B 81 -16.53 23.49 -4.26
C ALA B 81 -15.75 22.56 -5.18
N GLU B 82 -14.65 23.06 -5.75
CA GLU B 82 -13.79 22.28 -6.63
C GLU B 82 -12.35 22.19 -6.12
N ASP B 83 -12.18 22.21 -4.79
CA ASP B 83 -10.87 22.11 -4.15
C ASP B 83 -10.18 20.83 -4.54
N ALA B 84 -8.84 20.85 -4.58
CA ALA B 84 -8.06 19.68 -4.97
C ALA B 84 -8.30 18.46 -4.06
N LYS B 85 -8.46 18.70 -2.75
CA LYS B 85 -8.73 17.64 -1.78
C LYS B 85 -10.23 17.35 -1.67
N TRP B 86 -10.61 16.08 -1.82
CA TRP B 86 -12.03 15.72 -1.88
C TRP B 86 -12.76 15.92 -0.58
N ARG B 87 -12.07 15.82 0.54
CA ARG B 87 -12.69 16.00 1.86
C ARG B 87 -13.12 17.44 2.13
N VAL B 88 -12.48 18.39 1.43
CA VAL B 88 -12.87 19.79 1.48
C VAL B 88 -14.13 19.97 0.64
N ARG B 89 -14.14 19.35 -0.54
CA ARG B 89 -15.32 19.33 -1.40
C ARG B 89 -16.53 18.76 -0.66
N LEU B 90 -16.32 17.66 0.04
CA LEU B 90 -17.37 16.99 0.81
C LEU B 90 -18.00 17.89 1.86
N ALA B 91 -17.18 18.68 2.56
CA ALA B 91 -17.67 19.57 3.61
C ALA B 91 -18.54 20.69 3.05
N ILE B 92 -18.20 21.17 1.85
CA ILE B 92 -19.00 22.17 1.14
C ILE B 92 -20.36 21.59 0.72
N ILE B 93 -20.35 20.34 0.23
CA ILE B 93 -21.58 19.63 -0.13
C ILE B 93 -22.51 19.50 1.07
N GLU B 94 -21.93 19.25 2.25
CA GLU B 94 -22.70 19.14 3.48
C GLU B 94 -23.22 20.49 4.00
N TYR B 95 -22.53 21.57 3.63
CA TYR B 95 -22.92 22.92 4.02
C TYR B 95 -23.93 23.49 3.01
N MET B 96 -23.96 22.91 1.82
CA MET B 96 -24.81 23.39 0.73
C MET B 96 -26.29 23.59 1.09
N PRO B 97 -26.93 22.61 1.79
CA PRO B 97 -28.36 22.78 2.10
C PRO B 97 -28.66 23.98 3.00
N LEU B 98 -27.79 24.25 3.96
CA LEU B 98 -27.91 25.43 4.81
C LEU B 98 -27.70 26.74 4.03
N LEU B 99 -26.74 26.72 3.12
CA LEU B 99 -26.41 27.90 2.33
C LEU B 99 -27.54 28.26 1.36
N ALA B 100 -28.19 27.23 0.81
CA ALA B 100 -29.33 27.43 -0.08
C ALA B 100 -30.55 27.88 0.71
N GLY B 101 -30.71 27.33 1.91
CA GLY B 101 -31.79 27.73 2.82
C GLY B 101 -31.75 29.21 3.16
N GLN B 102 -30.57 29.69 3.55
CA GLN B 102 -30.34 31.10 3.83
C GLN B 102 -30.55 32.01 2.61
N LEU B 103 -29.99 31.60 1.48
CA LEU B 103 -29.96 32.45 0.28
C LEU B 103 -31.24 32.48 -0.56
N GLY B 104 -32.18 31.59 -0.26
CA GLY B 104 -33.46 31.55 -0.98
C GLY B 104 -33.39 30.85 -2.34
N VAL B 105 -34.55 30.36 -2.79
CA VAL B 105 -34.64 29.52 -3.98
C VAL B 105 -34.25 30.24 -5.27
N GLU B 106 -34.62 31.51 -5.39
CA GLU B 106 -34.45 32.26 -6.63
C GLU B 106 -32.98 32.48 -7.00
N TYR B 107 -32.16 32.77 -6.00
CA TYR B 107 -30.71 32.98 -6.23
C TYR B 107 -29.95 31.67 -6.43
N PHE B 108 -30.42 30.61 -5.79
CA PHE B 108 -29.83 29.28 -5.96
C PHE B 108 -29.81 28.90 -7.44
N ASP B 109 -30.95 29.08 -8.11
CA ASP B 109 -31.13 28.69 -9.51
C ASP B 109 -30.16 29.37 -10.48
N GLU B 110 -29.72 30.59 -10.15
CA GLU B 110 -28.90 31.37 -11.05
C GLU B 110 -27.38 31.18 -10.86
N LYS B 111 -26.96 30.85 -9.63
CA LYS B 111 -25.53 30.72 -9.36
C LYS B 111 -25.05 29.40 -8.75
N LEU B 112 -25.96 28.63 -8.16
CA LEU B 112 -25.57 27.46 -7.36
C LEU B 112 -26.06 26.09 -7.87
N ASN B 113 -26.98 26.08 -8.83
CA ASN B 113 -27.44 24.81 -9.41
C ASN B 113 -26.30 24.04 -10.12
N SER B 114 -25.42 24.77 -10.80
CA SER B 114 -24.33 24.17 -11.57
C SER B 114 -23.32 23.46 -10.67
N LEU B 115 -22.97 24.08 -9.55
CA LEU B 115 -22.07 23.49 -8.57
C LEU B 115 -22.57 22.12 -8.16
N CYS B 116 -23.86 22.05 -7.85
CA CYS B 116 -24.48 20.83 -7.34
C CYS B 116 -24.55 19.73 -8.38
N MET B 117 -24.65 20.10 -9.65
CA MET B 117 -24.74 19.12 -10.72
C MET B 117 -23.37 18.61 -11.10
N ALA B 118 -22.40 19.52 -11.13
CA ALA B 118 -21.02 19.17 -11.47
C ALA B 118 -20.43 18.16 -10.48
N TRP B 119 -20.98 18.12 -9.27
CA TRP B 119 -20.55 17.18 -8.24
C TRP B 119 -20.97 15.76 -8.51
N LEU B 120 -22.11 15.58 -9.17
CA LEU B 120 -22.64 14.25 -9.50
C LEU B 120 -21.77 13.54 -10.54
N VAL B 121 -20.85 14.30 -11.13
CA VAL B 121 -20.00 13.81 -12.21
C VAL B 121 -18.54 13.74 -11.75
N ASP B 122 -18.33 13.98 -10.46
CA ASP B 122 -16.99 13.99 -9.87
C ASP B 122 -16.31 12.63 -9.99
N HIS B 123 -14.99 12.65 -10.16
CA HIS B 123 -14.21 11.43 -10.24
C HIS B 123 -14.28 10.57 -8.99
N VAL B 124 -14.40 11.20 -7.83
CA VAL B 124 -14.44 10.50 -6.54
C VAL B 124 -15.86 10.05 -6.16
N TYR B 125 -16.05 8.75 -5.93
CA TYR B 125 -17.37 8.21 -5.61
C TYR B 125 -18.00 8.91 -4.42
N ALA B 126 -17.21 9.09 -3.37
CA ALA B 126 -17.67 9.74 -2.15
C ALA B 126 -18.33 11.11 -2.43
N ILE B 127 -17.74 11.88 -3.34
CA ILE B 127 -18.33 13.13 -3.80
C ILE B 127 -19.59 12.88 -4.62
N ARG B 128 -19.59 11.86 -5.47
CA ARG B 128 -20.81 11.50 -6.19
C ARG B 128 -21.91 11.09 -5.22
N GLU B 129 -21.56 10.27 -4.24
CA GLU B 129 -22.53 9.79 -3.25
C GLU B 129 -23.17 10.93 -2.47
N ALA B 130 -22.34 11.91 -2.07
CA ALA B 130 -22.78 13.00 -1.21
C ALA B 130 -23.59 14.07 -1.95
N ALA B 131 -23.27 14.28 -3.22
CA ALA B 131 -24.04 15.17 -4.08
C ALA B 131 -25.46 14.63 -4.29
N THR B 132 -25.60 13.31 -4.21
CA THR B 132 -26.91 12.66 -4.32
C THR B 132 -27.80 12.93 -3.09
N SER B 133 -27.26 12.67 -1.89
CA SER B 133 -27.94 12.96 -0.62
C SER B 133 -28.28 14.44 -0.52
N ASN B 134 -27.45 15.27 -1.13
CA ASN B 134 -27.63 16.72 -1.16
C ASN B 134 -28.88 17.11 -1.94
N LEU B 135 -29.08 16.46 -3.09
CA LEU B 135 -30.27 16.70 -3.89
C LEU B 135 -31.53 16.45 -3.07
N LYS B 136 -31.50 15.43 -2.22
CA LYS B 136 -32.65 15.09 -1.38
C LYS B 136 -32.95 16.22 -0.38
N LYS B 137 -31.92 16.69 0.30
CA LYS B 137 -32.08 17.74 1.30
C LYS B 137 -32.57 19.05 0.69
N LEU B 138 -32.14 19.33 -0.54
CA LEU B 138 -32.55 20.53 -1.25
C LEU B 138 -34.00 20.46 -1.66
N VAL B 139 -34.47 19.25 -1.95
CA VAL B 139 -35.85 19.03 -2.37
C VAL B 139 -36.78 19.18 -1.18
N GLU B 140 -36.34 18.68 -0.04
CA GLU B 140 -37.09 18.87 1.19
C GLU B 140 -37.21 20.36 1.54
N LYS B 141 -36.16 21.12 1.22
CA LYS B 141 -36.14 22.55 1.48
C LYS B 141 -36.97 23.37 0.48
N PHE B 142 -36.84 23.08 -0.82
CA PHE B 142 -37.51 23.89 -1.83
C PHE B 142 -38.79 23.30 -2.40
N GLY B 143 -39.07 22.04 -2.12
CA GLY B 143 -40.32 21.39 -2.55
C GLY B 143 -40.21 20.60 -3.84
N LYS B 144 -41.17 19.70 -4.05
CA LYS B 144 -41.16 18.77 -5.20
C LYS B 144 -41.37 19.43 -6.58
N GLU B 145 -42.18 20.48 -6.65
CA GLU B 145 -42.43 21.18 -7.91
C GLU B 145 -41.20 21.87 -8.48
N TRP B 146 -40.37 22.41 -7.58
CA TRP B 146 -39.10 23.00 -7.94
C TRP B 146 -38.13 21.95 -8.44
N ALA B 147 -38.16 20.78 -7.81
CA ALA B 147 -37.33 19.63 -8.20
C ALA B 147 -37.62 19.19 -9.64
N HIS B 148 -38.91 19.10 -9.99
CA HIS B 148 -39.32 18.80 -11.35
C HIS B 148 -38.73 19.79 -12.32
N ALA B 149 -38.78 21.06 -11.95
CA ALA B 149 -38.33 22.16 -12.82
C ALA B 149 -36.82 22.24 -13.02
N THR B 150 -36.05 22.11 -11.94
CA THR B 150 -34.62 22.45 -11.96
C THR B 150 -33.66 21.29 -11.72
N ILE B 151 -34.17 20.13 -11.28
CA ILE B 151 -33.30 19.00 -10.92
C ILE B 151 -33.50 17.75 -11.79
N ILE B 152 -34.72 17.23 -11.83
CA ILE B 152 -35.03 15.98 -12.54
C ILE B 152 -34.38 15.87 -13.93
N PRO B 153 -34.54 16.89 -14.79
CA PRO B 153 -33.90 16.80 -16.12
C PRO B 153 -32.40 16.54 -16.06
N LYS B 154 -31.66 17.37 -15.32
CA LYS B 154 -30.21 17.26 -15.21
C LYS B 154 -29.76 15.87 -14.72
N VAL B 155 -30.55 15.29 -13.82
CA VAL B 155 -30.27 13.94 -13.33
C VAL B 155 -30.43 12.92 -14.45
N LEU B 156 -31.51 13.04 -15.21
CA LEU B 156 -31.80 12.12 -16.31
C LEU B 156 -30.82 12.26 -17.47
N ALA B 157 -30.21 13.44 -17.60
CA ALA B 157 -29.19 13.70 -18.61
C ALA B 157 -28.04 12.69 -18.53
N MET B 158 -27.74 12.26 -17.31
CA MET B 158 -26.60 11.37 -17.05
C MET B 158 -26.83 9.93 -17.51
N SER B 159 -28.07 9.56 -17.79
CA SER B 159 -28.39 8.18 -18.20
C SER B 159 -27.79 7.83 -19.55
N GLY B 160 -27.33 8.85 -20.29
CA GLY B 160 -26.74 8.64 -21.60
C GLY B 160 -25.23 8.81 -21.61
N ASP B 161 -24.64 8.90 -20.42
CA ASP B 161 -23.19 9.05 -20.25
C ASP B 161 -22.44 7.77 -20.70
N PRO B 162 -21.32 7.92 -21.44
CA PRO B 162 -20.53 6.77 -21.89
C PRO B 162 -19.98 5.90 -20.76
N ASN B 163 -19.93 6.45 -19.55
CA ASN B 163 -19.31 5.82 -18.37
C ASN B 163 -20.36 5.19 -17.45
N TYR B 164 -20.22 3.89 -17.18
CA TYR B 164 -21.17 3.18 -16.31
C TYR B 164 -21.24 3.71 -14.88
N LEU B 165 -20.12 4.27 -14.40
CA LEU B 165 -20.10 4.85 -13.07
C LEU B 165 -21.02 6.06 -13.00
N HIS B 166 -21.13 6.79 -14.11
CA HIS B 166 -22.01 7.96 -14.18
C HIS B 166 -23.44 7.58 -14.44
N ARG B 167 -23.65 6.56 -15.27
CA ARG B 167 -25.01 6.12 -15.58
C ARG B 167 -25.69 5.60 -14.33
N MET B 168 -24.94 4.89 -13.50
CA MET B 168 -25.45 4.39 -12.23
C MET B 168 -25.90 5.51 -11.28
N THR B 169 -25.21 6.65 -11.33
CA THR B 169 -25.56 7.78 -10.47
C THR B 169 -27.01 8.22 -10.68
N THR B 170 -27.46 8.19 -11.93
CA THR B 170 -28.85 8.49 -12.27
C THR B 170 -29.80 7.64 -11.43
N LEU B 171 -29.56 6.33 -11.37
CA LEU B 171 -30.37 5.41 -10.57
C LEU B 171 -30.29 5.70 -9.08
N PHE B 172 -29.08 5.89 -8.57
CA PHE B 172 -28.86 6.26 -7.16
C PHE B 172 -29.64 7.52 -6.80
N CYS B 173 -29.65 8.50 -7.71
CA CYS B 173 -30.43 9.72 -7.56
C CYS B 173 -31.93 9.42 -7.54
N ILE B 174 -32.38 8.64 -8.53
CA ILE B 174 -33.80 8.29 -8.63
C ILE B 174 -34.29 7.55 -7.38
N ASN B 175 -33.47 6.64 -6.85
CA ASN B 175 -33.74 5.96 -5.59
C ASN B 175 -34.09 6.96 -4.49
N VAL B 176 -33.17 7.90 -4.29
CA VAL B 176 -33.23 8.90 -3.23
C VAL B 176 -34.35 9.93 -3.48
N LEU B 177 -34.52 10.33 -4.74
CA LEU B 177 -35.45 11.41 -5.08
C LEU B 177 -36.92 11.01 -5.16
N SER B 178 -37.19 9.75 -5.49
CA SER B 178 -38.57 9.27 -5.67
C SER B 178 -39.40 9.42 -4.39
N GLU B 179 -38.74 9.22 -3.24
CA GLU B 179 -39.34 9.41 -1.93
C GLU B 179 -39.98 10.78 -1.85
N VAL B 180 -39.14 11.81 -1.95
CA VAL B 180 -39.55 13.19 -1.72
C VAL B 180 -40.20 13.87 -2.93
N CYS B 181 -40.40 13.14 -4.02
CA CYS B 181 -41.01 13.72 -5.22
C CYS B 181 -42.48 13.30 -5.41
N GLY B 182 -42.90 12.28 -4.66
CA GLY B 182 -44.27 11.83 -4.69
C GLY B 182 -44.56 10.96 -5.89
N GLN B 183 -45.70 10.28 -5.85
CA GLN B 183 -46.07 9.28 -6.85
C GLN B 183 -46.04 9.78 -8.30
N ASP B 184 -46.56 10.98 -8.53
CA ASP B 184 -46.79 11.43 -9.89
C ASP B 184 -45.51 11.77 -10.68
N ILE B 185 -44.66 12.61 -10.10
CA ILE B 185 -43.38 12.96 -10.72
C ILE B 185 -42.52 11.71 -10.94
N THR B 186 -42.50 10.82 -9.95
CA THR B 186 -41.82 9.54 -10.06
C THR B 186 -42.32 8.75 -11.26
N THR B 187 -43.65 8.64 -11.38
CA THR B 187 -44.29 7.84 -12.43
C THR B 187 -44.06 8.41 -13.83
N LYS B 188 -44.25 9.73 -13.97
CA LYS B 188 -44.14 10.41 -15.26
C LYS B 188 -42.71 10.68 -15.72
N HIS B 189 -41.85 11.12 -14.82
CA HIS B 189 -40.56 11.66 -15.22
C HIS B 189 -39.35 10.83 -14.87
N MET B 190 -39.46 10.03 -13.81
CA MET B 190 -38.34 9.21 -13.37
C MET B 190 -38.45 7.76 -13.80
N LEU B 191 -39.66 7.21 -13.75
CA LEU B 191 -39.88 5.79 -14.05
C LEU B 191 -39.47 5.35 -15.47
N PRO B 192 -39.88 6.11 -16.52
CA PRO B 192 -39.56 5.67 -17.87
C PRO B 192 -38.07 5.47 -18.11
N THR B 193 -37.24 6.32 -17.50
CA THR B 193 -35.78 6.21 -17.60
C THR B 193 -35.26 4.91 -16.97
N VAL B 194 -35.72 4.60 -15.75
CA VAL B 194 -35.37 3.34 -15.10
C VAL B 194 -35.64 2.14 -16.01
N LEU B 195 -36.84 2.09 -16.57
CA LEU B 195 -37.27 0.99 -17.43
C LEU B 195 -36.43 0.89 -18.71
N ARG B 196 -36.06 2.05 -19.27
CA ARG B 196 -35.18 2.09 -20.44
C ARG B 196 -33.80 1.50 -20.15
N MET B 197 -33.27 1.80 -18.96
CA MET B 197 -31.93 1.36 -18.56
C MET B 197 -31.86 -0.15 -18.25
N ALA B 198 -33.02 -0.81 -18.22
CA ALA B 198 -33.09 -2.27 -18.12
C ALA B 198 -32.43 -2.97 -19.31
N GLY B 199 -32.21 -2.23 -20.39
CA GLY B 199 -31.61 -2.76 -21.60
C GLY B 199 -30.18 -2.31 -21.83
N ASP B 200 -29.51 -1.90 -20.75
CA ASP B 200 -28.14 -1.41 -20.79
C ASP B 200 -27.16 -2.53 -21.15
N PRO B 201 -26.10 -2.20 -21.91
CA PRO B 201 -25.00 -3.13 -22.18
C PRO B 201 -24.25 -3.62 -20.94
N VAL B 202 -24.26 -2.83 -19.86
CA VAL B 202 -23.49 -3.16 -18.65
C VAL B 202 -24.39 -3.75 -17.55
N ALA B 203 -23.99 -4.91 -17.03
CA ALA B 203 -24.76 -5.66 -16.04
C ALA B 203 -24.97 -4.90 -14.73
N ASN B 204 -23.93 -4.16 -14.31
CA ASN B 204 -23.98 -3.36 -13.10
C ASN B 204 -25.11 -2.33 -13.12
N VAL B 205 -25.33 -1.75 -14.30
CA VAL B 205 -26.43 -0.81 -14.52
C VAL B 205 -27.73 -1.60 -14.50
N ARG B 206 -27.71 -2.77 -15.13
CA ARG B 206 -28.88 -3.64 -15.22
C ARG B 206 -29.41 -4.15 -13.87
N PHE B 207 -28.53 -4.62 -12.98
CA PHE B 207 -28.99 -5.04 -11.65
C PHE B 207 -29.36 -3.87 -10.73
N ASN B 208 -28.87 -2.68 -11.05
CA ASN B 208 -29.25 -1.48 -10.32
C ASN B 208 -30.58 -0.92 -10.78
N VAL B 209 -31.06 -1.40 -11.92
CA VAL B 209 -32.43 -1.15 -12.34
C VAL B 209 -33.34 -2.01 -11.45
N ALA B 210 -32.98 -3.28 -11.29
CA ALA B 210 -33.72 -4.19 -10.42
C ALA B 210 -33.80 -3.63 -9.00
N LYS B 211 -32.68 -3.09 -8.49
CA LYS B 211 -32.65 -2.54 -7.14
C LYS B 211 -33.49 -1.27 -7.03
N SER B 212 -33.42 -0.42 -8.06
CA SER B 212 -34.22 0.80 -8.11
C SER B 212 -35.72 0.52 -8.09
N LEU B 213 -36.14 -0.46 -8.89
CA LEU B 213 -37.55 -0.83 -8.97
C LEU B 213 -38.08 -1.39 -7.65
N GLN B 214 -37.21 -2.09 -6.91
CA GLN B 214 -37.56 -2.53 -5.57
C GLN B 214 -37.79 -1.34 -4.64
N LYS B 215 -36.96 -0.31 -4.78
CA LYS B 215 -37.03 0.87 -3.93
C LYS B 215 -38.19 1.81 -4.26
N ILE B 216 -38.40 2.09 -5.54
CA ILE B 216 -39.40 3.08 -5.96
C ILE B 216 -40.80 2.47 -6.11
N GLY B 217 -40.86 1.15 -6.25
CA GLY B 217 -42.12 0.42 -6.41
C GLY B 217 -43.29 0.81 -5.51
N PRO B 218 -43.14 0.69 -4.18
CA PRO B 218 -44.24 0.99 -3.26
C PRO B 218 -44.87 2.38 -3.45
N ILE B 219 -44.17 3.27 -4.13
CA ILE B 219 -44.67 4.61 -4.42
C ILE B 219 -45.69 4.62 -5.58
N LEU B 220 -45.48 3.75 -6.56
CA LEU B 220 -46.35 3.69 -7.74
C LEU B 220 -47.68 2.99 -7.45
N ASP B 221 -48.64 3.19 -8.34
CA ASP B 221 -49.93 2.50 -8.26
C ASP B 221 -49.84 1.08 -8.81
N ASN B 222 -50.70 0.21 -8.31
CA ASN B 222 -50.71 -1.20 -8.71
C ASN B 222 -50.89 -1.43 -10.22
N SER B 223 -51.68 -0.57 -10.86
CA SER B 223 -51.86 -0.67 -12.30
C SER B 223 -50.52 -0.49 -13.02
N THR B 224 -49.78 0.55 -12.65
CA THR B 224 -48.46 0.85 -13.21
C THR B 224 -47.50 -0.29 -12.90
N LEU B 225 -47.61 -0.80 -11.68
CA LEU B 225 -46.76 -1.89 -11.18
C LEU B 225 -47.02 -3.22 -11.91
N GLN B 226 -48.29 -3.56 -12.14
CA GLN B 226 -48.65 -4.81 -12.79
C GLN B 226 -48.41 -4.80 -14.29
N SER B 227 -48.47 -3.62 -14.90
CA SER B 227 -48.41 -3.50 -16.35
C SER B 227 -47.05 -3.11 -16.89
N GLU B 228 -46.31 -2.27 -16.16
CA GLU B 228 -45.04 -1.76 -16.66
C GLU B 228 -43.80 -2.24 -15.91
N VAL B 229 -43.95 -2.47 -14.61
CA VAL B 229 -42.82 -2.92 -13.77
C VAL B 229 -42.66 -4.45 -13.82
N LYS B 230 -43.76 -5.18 -13.65
CA LYS B 230 -43.71 -6.65 -13.60
C LYS B 230 -43.09 -7.33 -14.85
N PRO B 231 -43.49 -6.92 -16.08
CA PRO B 231 -42.90 -7.56 -17.26
C PRO B 231 -41.37 -7.34 -17.40
N ILE B 232 -40.89 -6.15 -17.00
CA ILE B 232 -39.47 -5.83 -17.09
C ILE B 232 -38.64 -6.69 -16.12
N LEU B 233 -39.10 -6.78 -14.87
CA LEU B 233 -38.41 -7.59 -13.88
C LEU B 233 -38.35 -9.06 -14.28
N GLU B 234 -39.44 -9.57 -14.83
CA GLU B 234 -39.48 -10.96 -15.31
C GLU B 234 -38.51 -11.20 -16.46
N LYS B 235 -38.40 -10.23 -17.37
CA LYS B 235 -37.40 -10.30 -18.43
C LYS B 235 -35.99 -10.25 -17.83
N LEU B 236 -35.82 -9.48 -16.76
CA LEU B 236 -34.53 -9.37 -16.09
C LEU B 236 -34.13 -10.63 -15.32
N THR B 237 -35.09 -11.49 -14.99
CA THR B 237 -34.77 -12.79 -14.39
C THR B 237 -34.29 -13.79 -15.44
N GLN B 238 -34.36 -13.40 -16.71
CA GLN B 238 -33.87 -14.23 -17.83
C GLN B 238 -32.51 -13.76 -18.33
N ASP B 239 -31.92 -12.80 -17.61
CA ASP B 239 -30.66 -12.16 -18.00
C ASP B 239 -29.46 -13.12 -17.87
N GLN B 240 -28.54 -13.03 -18.83
CA GLN B 240 -27.28 -13.79 -18.79
C GLN B 240 -26.56 -13.70 -17.44
N ASP B 241 -26.51 -12.49 -16.90
CA ASP B 241 -25.75 -12.21 -15.68
C ASP B 241 -26.44 -12.72 -14.42
N VAL B 242 -25.64 -13.30 -13.52
CA VAL B 242 -26.16 -13.91 -12.30
C VAL B 242 -26.76 -12.89 -11.34
N ASP B 243 -26.06 -11.76 -11.20
CA ASP B 243 -26.49 -10.70 -10.28
C ASP B 243 -27.77 -9.97 -10.73
N VAL B 244 -27.93 -9.77 -12.03
CA VAL B 244 -29.16 -9.19 -12.56
C VAL B 244 -30.33 -10.12 -12.24
N LYS B 245 -30.17 -11.41 -12.55
CA LYS B 245 -31.16 -12.44 -12.22
C LYS B 245 -31.60 -12.34 -10.76
N TYR B 246 -30.61 -12.43 -9.85
CA TYR B 246 -30.86 -12.47 -8.41
C TYR B 246 -31.65 -11.26 -7.91
N PHE B 247 -31.17 -10.07 -8.26
CA PHE B 247 -31.79 -8.83 -7.80
C PHE B 247 -33.15 -8.58 -8.47
N ALA B 248 -33.31 -9.08 -9.70
CA ALA B 248 -34.60 -9.01 -10.36
C ALA B 248 -35.62 -9.90 -9.65
N GLN B 249 -35.19 -11.13 -9.35
CA GLN B 249 -36.01 -12.09 -8.62
C GLN B 249 -36.35 -11.60 -7.22
N GLU B 250 -35.41 -10.89 -6.60
CA GLU B 250 -35.57 -10.35 -5.25
C GLU B 250 -36.57 -9.19 -5.22
N ALA B 251 -36.54 -8.36 -6.26
CA ALA B 251 -37.49 -7.28 -6.40
C ALA B 251 -38.92 -7.80 -6.59
N LEU B 252 -39.08 -8.83 -7.43
CA LEU B 252 -40.39 -9.45 -7.67
C LEU B 252 -41.00 -9.97 -6.38
N THR B 253 -40.18 -10.65 -5.57
CA THR B 253 -40.61 -11.20 -4.29
C THR B 253 -41.00 -10.09 -3.31
N VAL B 254 -40.14 -9.09 -3.16
CA VAL B 254 -40.38 -7.98 -2.23
C VAL B 254 -41.67 -7.20 -2.59
N LEU B 255 -41.83 -6.86 -3.87
CA LEU B 255 -43.01 -6.13 -4.33
C LEU B 255 -44.25 -7.03 -4.44
N SER B 256 -44.10 -8.31 -4.08
CA SER B 256 -45.16 -9.32 -4.17
C SER B 256 -45.87 -9.31 -5.53
N LEU B 257 -45.18 -9.82 -6.55
CA LEU B 257 -45.70 -9.83 -7.90
C LEU B 257 -45.72 -11.24 -8.49
N LYS C 6 -31.27 -17.31 -0.62
CA LYS C 6 -30.48 -18.42 -0.03
C LYS C 6 -30.18 -18.16 1.45
N VAL C 7 -30.12 -19.25 2.22
CA VAL C 7 -29.73 -19.21 3.64
C VAL C 7 -28.29 -18.71 3.76
N PHE C 8 -27.46 -19.08 2.78
CA PHE C 8 -26.05 -18.75 2.77
C PHE C 8 -25.73 -17.35 2.23
N THR C 9 -26.68 -16.75 1.50
CA THR C 9 -26.50 -15.38 1.01
C THR C 9 -26.70 -14.37 2.15
N LYS C 10 -27.69 -14.61 3.01
CA LYS C 10 -27.90 -13.81 4.22
C LYS C 10 -26.62 -13.81 5.05
N GLU C 11 -26.11 -15.02 5.27
CA GLU C 11 -24.89 -15.23 6.03
C GLU C 11 -23.74 -14.40 5.44
N LEU C 12 -23.48 -14.59 4.15
CA LEU C 12 -22.47 -13.83 3.41
C LEU C 12 -22.64 -12.32 3.51
N ASP C 13 -23.88 -11.86 3.37
CA ASP C 13 -24.18 -10.43 3.42
C ASP C 13 -23.79 -9.81 4.75
N GLN C 14 -24.11 -10.48 5.86
CA GLN C 14 -23.75 -9.95 7.18
C GLN C 14 -22.24 -10.04 7.40
N TRP C 15 -21.59 -11.04 6.83
CA TRP C 15 -20.13 -11.15 6.93
C TRP C 15 -19.48 -9.94 6.32
N ILE C 16 -19.93 -9.57 5.12
CA ILE C 16 -19.42 -8.40 4.41
C ILE C 16 -19.65 -7.14 5.23
N GLU C 17 -20.89 -6.95 5.69
CA GLU C 17 -21.27 -5.88 6.61
C GLU C 17 -20.33 -5.84 7.83
N GLN C 18 -20.16 -6.99 8.49
CA GLN C 18 -19.29 -7.14 9.66
C GLN C 18 -17.83 -6.76 9.35
N LEU C 19 -17.34 -7.18 8.19
CA LEU C 19 -15.95 -6.92 7.80
C LEU C 19 -15.66 -5.47 7.43
N ASN C 20 -16.68 -4.78 6.91
CA ASN C 20 -16.59 -3.36 6.61
C ASN C 20 -16.44 -2.48 7.85
N GLU C 21 -16.85 -3.01 9.00
CA GLU C 21 -16.63 -2.35 10.28
C GLU C 21 -15.24 -2.71 10.84
N CYS C 22 -14.46 -3.43 10.03
CA CYS C 22 -13.14 -3.96 10.41
C CYS C 22 -13.20 -4.93 11.61
N LYS C 23 -14.15 -5.87 11.56
CA LYS C 23 -14.30 -6.90 12.58
C LYS C 23 -14.13 -8.25 11.92
N GLN C 24 -13.19 -9.05 12.44
CA GLN C 24 -12.83 -10.33 11.82
C GLN C 24 -13.91 -11.39 11.98
N LEU C 25 -13.94 -12.33 11.05
CA LEU C 25 -14.84 -13.48 11.14
C LEU C 25 -14.24 -14.50 12.10
N SER C 26 -15.07 -15.40 12.60
CA SER C 26 -14.59 -16.46 13.48
C SER C 26 -13.91 -17.57 12.67
N GLU C 27 -13.03 -18.31 13.34
CA GLU C 27 -12.29 -19.42 12.73
C GLU C 27 -13.20 -20.34 11.92
N SER C 28 -14.35 -20.66 12.49
CA SER C 28 -15.34 -21.52 11.87
C SER C 28 -15.89 -20.90 10.57
N GLN C 29 -16.28 -19.63 10.65
CA GLN C 29 -16.74 -18.87 9.49
C GLN C 29 -15.69 -18.80 8.38
N VAL C 30 -14.46 -18.42 8.76
CA VAL C 30 -13.33 -18.35 7.83
C VAL C 30 -13.10 -19.67 7.08
N LYS C 31 -13.31 -20.78 7.78
CA LYS C 31 -13.16 -22.10 7.18
C LYS C 31 -14.17 -22.33 6.05
N SER C 32 -15.44 -22.05 6.32
CA SER C 32 -16.51 -22.19 5.31
C SER C 32 -16.25 -21.29 4.10
N LEU C 33 -15.88 -20.04 4.38
CA LEU C 33 -15.61 -19.06 3.34
C LEU C 33 -14.55 -19.54 2.34
N CYS C 34 -13.47 -20.12 2.86
CA CYS C 34 -12.37 -20.59 2.05
C CYS C 34 -12.73 -21.85 1.26
N GLU C 35 -13.61 -22.67 1.82
CA GLU C 35 -14.06 -23.89 1.15
C GLU C 35 -14.89 -23.57 -0.08
N LYS C 36 -15.78 -22.59 0.06
CA LYS C 36 -16.66 -22.14 -1.01
C LYS C 36 -15.93 -21.26 -2.02
N ALA C 37 -14.85 -20.63 -1.57
CA ALA C 37 -14.01 -19.84 -2.45
C ALA C 37 -13.23 -20.75 -3.39
N LYS C 38 -12.72 -21.87 -2.85
CA LYS C 38 -11.97 -22.84 -3.64
C LYS C 38 -12.79 -23.41 -4.80
N GLU C 39 -14.05 -23.75 -4.55
CA GLU C 39 -14.95 -24.23 -5.59
C GLU C 39 -15.05 -23.25 -6.76
N ILE C 40 -15.19 -21.97 -6.43
CA ILE C 40 -15.31 -20.90 -7.42
C ILE C 40 -14.00 -20.69 -8.18
N LEU C 41 -12.90 -20.63 -7.44
CA LEU C 41 -11.58 -20.36 -8.02
C LEU C 41 -11.06 -21.47 -8.93
N THR C 42 -11.46 -22.71 -8.65
CA THR C 42 -11.03 -23.87 -9.43
C THR C 42 -11.50 -23.75 -10.88
N LYS C 43 -12.69 -23.19 -11.06
CA LYS C 43 -13.27 -22.98 -12.39
C LYS C 43 -12.57 -21.86 -13.14
N GLU C 44 -11.80 -21.05 -12.43
CA GLU C 44 -11.10 -19.94 -13.05
C GLU C 44 -9.82 -20.38 -13.75
N SER C 45 -9.61 -19.81 -14.93
CA SER C 45 -8.45 -20.09 -15.78
C SER C 45 -7.19 -19.43 -15.23
N ASN C 46 -6.02 -19.90 -15.68
CA ASN C 46 -4.74 -19.27 -15.35
C ASN C 46 -4.69 -17.84 -15.87
N VAL C 47 -5.20 -17.65 -17.08
CA VAL C 47 -5.43 -16.32 -17.63
C VAL C 47 -6.93 -16.11 -17.53
N GLN C 48 -7.36 -15.49 -16.43
CA GLN C 48 -8.79 -15.31 -16.17
C GLN C 48 -9.38 -14.19 -17.03
N GLU C 49 -10.41 -14.55 -17.79
CA GLU C 49 -11.12 -13.63 -18.66
C GLU C 49 -11.90 -12.58 -17.88
N VAL C 50 -11.56 -11.31 -18.08
CA VAL C 50 -12.25 -10.21 -17.39
C VAL C 50 -12.83 -9.21 -18.40
N ARG C 51 -14.07 -8.79 -18.15
CA ARG C 51 -14.73 -7.82 -19.02
C ARG C 51 -14.67 -6.41 -18.47
N CYS C 52 -14.27 -5.46 -19.30
CA CYS C 52 -14.42 -4.05 -18.97
C CYS C 52 -15.92 -3.73 -19.03
N PRO C 53 -16.38 -2.71 -18.28
CA PRO C 53 -15.63 -1.80 -17.42
C PRO C 53 -15.16 -2.47 -16.13
N VAL C 54 -14.01 -2.02 -15.62
CA VAL C 54 -13.42 -2.58 -14.39
C VAL C 54 -12.32 -1.64 -13.86
N THR C 55 -12.10 -1.69 -12.55
CA THR C 55 -11.07 -0.90 -11.90
C THR C 55 -9.92 -1.80 -11.42
N VAL C 56 -8.70 -1.46 -11.84
CA VAL C 56 -7.52 -2.28 -11.56
C VAL C 56 -6.72 -1.70 -10.39
N CYS C 57 -6.46 -2.53 -9.38
CA CYS C 57 -5.77 -2.11 -8.16
C CYS C 57 -4.50 -2.92 -7.94
N GLY C 58 -3.59 -2.35 -7.15
CA GLY C 58 -2.31 -2.99 -6.81
C GLY C 58 -2.20 -3.36 -5.35
N ASP C 59 -1.00 -3.21 -4.78
CA ASP C 59 -0.67 -3.71 -3.44
C ASP C 59 -1.48 -3.07 -2.31
N VAL C 60 -1.98 -3.90 -1.41
CA VAL C 60 -2.71 -3.40 -0.23
C VAL C 60 -1.94 -3.69 1.07
N HIS C 61 -1.14 -4.76 1.07
CA HIS C 61 -0.28 -5.12 2.20
C HIS C 61 -0.88 -4.91 3.57
N GLY C 62 -2.15 -5.29 3.74
CA GLY C 62 -2.81 -5.29 5.04
C GLY C 62 -3.30 -3.96 5.57
N GLN C 63 -3.35 -2.95 4.71
CA GLN C 63 -3.77 -1.61 5.12
C GLN C 63 -5.29 -1.42 4.94
N PHE C 64 -6.06 -2.09 5.79
CA PHE C 64 -7.51 -2.18 5.63
C PHE C 64 -8.24 -0.85 5.50
N HIS C 65 -7.87 0.12 6.33
CA HIS C 65 -8.54 1.42 6.31
C HIS C 65 -8.25 2.16 5.05
N ASP C 66 -7.08 1.90 4.47
CA ASP C 66 -6.74 2.44 3.15
C ASP C 66 -7.51 1.74 2.03
N LEU C 67 -7.86 0.48 2.22
CA LEU C 67 -8.74 -0.24 1.29
C LEU C 67 -10.14 0.37 1.31
N MET C 68 -10.61 0.78 2.48
CA MET C 68 -11.91 1.45 2.62
C MET C 68 -11.88 2.79 1.89
N GLU C 69 -10.77 3.51 2.02
CA GLU C 69 -10.53 4.76 1.30
C GLU C 69 -10.60 4.53 -0.22
N LEU C 70 -10.11 3.37 -0.66
CA LEU C 70 -10.13 3.00 -2.08
C LEU C 70 -11.56 2.86 -2.59
N PHE C 71 -12.42 2.24 -1.78
CA PHE C 71 -13.83 2.07 -2.13
C PHE C 71 -14.60 3.38 -2.04
N ARG C 72 -14.09 4.32 -1.23
CA ARG C 72 -14.65 5.67 -1.18
C ARG C 72 -14.32 6.42 -2.46
N ILE C 73 -13.15 6.16 -3.03
CA ILE C 73 -12.72 6.80 -4.26
C ILE C 73 -13.40 6.19 -5.50
N GLY C 74 -13.34 4.87 -5.64
CA GLY C 74 -13.80 4.20 -6.85
C GLY C 74 -15.17 3.54 -6.84
N GLY C 75 -15.87 3.60 -5.70
CA GLY C 75 -17.20 3.00 -5.57
C GLY C 75 -17.15 1.63 -4.91
N LYS C 76 -18.23 1.27 -4.20
CA LYS C 76 -18.26 -0.01 -3.49
C LYS C 76 -18.70 -1.20 -4.34
N SER C 77 -18.25 -2.38 -3.92
CA SER C 77 -18.72 -3.63 -4.49
C SER C 77 -20.17 -3.85 -4.07
N PRO C 78 -21.02 -4.36 -4.97
CA PRO C 78 -20.74 -4.82 -6.33
C PRO C 78 -21.00 -3.77 -7.43
N ASP C 79 -21.38 -2.55 -7.06
CA ASP C 79 -21.66 -1.51 -8.04
C ASP C 79 -20.48 -1.32 -8.98
N THR C 80 -19.29 -1.16 -8.40
CA THR C 80 -18.06 -1.02 -9.16
C THR C 80 -17.38 -2.37 -9.33
N ASN C 81 -16.98 -2.68 -10.55
CA ASN C 81 -16.21 -3.89 -10.83
C ASN C 81 -14.75 -3.68 -10.48
N TYR C 82 -14.20 -4.60 -9.69
CA TYR C 82 -12.79 -4.51 -9.29
C TYR C 82 -11.93 -5.65 -9.80
N LEU C 83 -10.63 -5.37 -9.90
CA LEU C 83 -9.62 -6.37 -10.23
C LEU C 83 -8.38 -6.09 -9.38
N PHE C 84 -7.99 -7.07 -8.58
CA PHE C 84 -6.84 -6.94 -7.69
C PHE C 84 -5.69 -7.82 -8.16
N MET C 85 -4.49 -7.25 -8.17
CA MET C 85 -3.31 -7.92 -8.72
C MET C 85 -2.39 -8.51 -7.64
N GLY C 86 -2.93 -8.76 -6.44
CA GLY C 86 -2.20 -9.48 -5.40
C GLY C 86 -1.48 -8.62 -4.38
N ASP C 87 -0.77 -9.30 -3.47
CA ASP C 87 -0.11 -8.70 -2.29
C ASP C 87 -1.15 -8.04 -1.38
N TYR C 88 -2.10 -8.83 -0.90
CA TYR C 88 -3.14 -8.35 0.01
C TYR C 88 -2.67 -8.39 1.46
N VAL C 89 -1.74 -9.29 1.74
CA VAL C 89 -1.37 -9.61 3.11
C VAL C 89 0.08 -9.24 3.44
N ASP C 90 0.45 -9.36 4.71
CA ASP C 90 1.78 -9.00 5.24
C ASP C 90 1.94 -7.52 5.49
N ARG C 91 2.72 -7.20 6.52
CA ARG C 91 3.21 -5.84 6.83
C ARG C 91 2.25 -4.91 7.58
N GLY C 92 0.98 -4.90 7.20
CA GLY C 92 0.00 -4.05 7.86
C GLY C 92 -0.61 -4.70 9.08
N TYR C 93 -1.41 -3.93 9.84
CA TYR C 93 -2.09 -4.44 11.04
C TYR C 93 -3.25 -5.36 10.69
N TYR C 94 -3.75 -5.25 9.47
CA TYR C 94 -5.03 -5.84 9.13
C TYR C 94 -5.04 -6.74 7.90
N SER C 95 -4.01 -7.58 7.74
CA SER C 95 -3.98 -8.54 6.64
C SER C 95 -5.18 -9.47 6.67
N VAL C 96 -5.56 -9.94 7.87
CA VAL C 96 -6.71 -10.82 8.04
C VAL C 96 -7.99 -10.17 7.50
N GLU C 97 -8.37 -9.02 8.06
CA GLU C 97 -9.61 -8.35 7.67
C GLU C 97 -9.63 -8.01 6.18
N THR C 98 -8.52 -7.46 5.71
CA THR C 98 -8.32 -7.12 4.29
C THR C 98 -8.59 -8.32 3.38
N VAL C 99 -7.87 -9.42 3.61
CA VAL C 99 -8.01 -10.59 2.75
C VAL C 99 -9.36 -11.28 2.95
N THR C 100 -9.88 -11.30 4.17
CA THR C 100 -11.16 -11.96 4.42
C THR C 100 -12.28 -11.28 3.62
N LEU C 101 -12.30 -9.94 3.61
CA LEU C 101 -13.30 -9.19 2.85
C LEU C 101 -13.22 -9.46 1.33
N LEU C 102 -12.04 -9.31 0.75
CA LEU C 102 -11.86 -9.55 -0.68
C LEU C 102 -12.31 -10.96 -1.09
N VAL C 103 -12.00 -11.95 -0.23
CA VAL C 103 -12.47 -13.31 -0.45
C VAL C 103 -14.00 -13.39 -0.30
N ALA C 104 -14.52 -12.83 0.79
CA ALA C 104 -15.96 -12.77 1.01
C ALA C 104 -16.71 -12.25 -0.22
N LEU C 105 -16.26 -11.11 -0.74
CA LEU C 105 -16.88 -10.46 -1.89
C LEU C 105 -16.83 -11.34 -3.15
N LYS C 106 -15.74 -12.10 -3.30
CA LYS C 106 -15.59 -13.01 -4.43
C LYS C 106 -16.67 -14.09 -4.41
N VAL C 107 -16.87 -14.70 -3.24
CA VAL C 107 -17.87 -15.73 -3.08
C VAL C 107 -19.27 -15.16 -3.28
N ARG C 108 -19.45 -13.89 -2.91
CA ARG C 108 -20.74 -13.23 -3.04
C ARG C 108 -21.00 -12.73 -4.46
N TYR C 109 -19.99 -12.14 -5.10
CA TYR C 109 -20.13 -11.58 -6.44
C TYR C 109 -18.96 -11.98 -7.34
N ARG C 110 -18.92 -13.24 -7.74
CA ARG C 110 -17.77 -13.77 -8.50
C ARG C 110 -17.55 -13.09 -9.86
N GLU C 111 -18.60 -12.45 -10.37
CA GLU C 111 -18.53 -11.78 -11.66
C GLU C 111 -18.13 -10.31 -11.52
N ARG C 112 -18.10 -9.82 -10.29
CA ARG C 112 -17.83 -8.40 -10.03
C ARG C 112 -16.40 -8.13 -9.56
N ILE C 113 -15.68 -9.19 -9.17
CA ILE C 113 -14.31 -9.06 -8.69
C ILE C 113 -13.42 -10.14 -9.27
N THR C 114 -12.16 -9.78 -9.49
CA THR C 114 -11.14 -10.76 -9.77
C THR C 114 -10.03 -10.51 -8.78
N ILE C 115 -9.63 -11.55 -8.06
CA ILE C 115 -8.48 -11.47 -7.17
C ILE C 115 -7.36 -12.35 -7.71
N LEU C 116 -6.22 -11.73 -7.99
CA LEU C 116 -5.07 -12.44 -8.52
C LEU C 116 -4.05 -12.75 -7.43
N ARG C 117 -3.21 -13.75 -7.68
CA ARG C 117 -2.18 -14.16 -6.74
C ARG C 117 -0.94 -13.28 -6.85
N GLY C 118 -0.49 -12.73 -5.71
CA GLY C 118 0.78 -12.01 -5.65
C GLY C 118 1.81 -12.90 -4.99
N ASN C 119 3.08 -12.47 -4.98
CA ASN C 119 4.14 -13.28 -4.37
C ASN C 119 3.98 -13.42 -2.84
N HIS C 120 3.33 -12.44 -2.22
CA HIS C 120 3.05 -12.52 -0.80
C HIS C 120 1.98 -13.52 -0.44
N GLU C 121 1.24 -13.96 -1.44
CA GLU C 121 0.18 -14.96 -1.24
C GLU C 121 0.72 -16.38 -1.32
N SER C 122 1.61 -16.70 -0.37
CA SER C 122 2.26 -18.00 -0.34
C SER C 122 2.60 -18.39 1.09
N ARG C 123 2.89 -19.68 1.31
CA ARG C 123 3.30 -20.18 2.61
C ARG C 123 4.67 -19.66 3.07
N GLN C 124 5.64 -19.60 2.15
CA GLN C 124 7.00 -19.17 2.50
C GLN C 124 7.04 -17.71 2.93
N ILE C 125 6.47 -16.82 2.13
CA ILE C 125 6.58 -15.38 2.40
C ILE C 125 5.69 -14.88 3.55
N THR C 126 4.51 -15.47 3.71
CA THR C 126 3.61 -15.09 4.80
C THR C 126 4.19 -15.43 6.18
N GLN C 127 5.19 -16.29 6.21
CA GLN C 127 5.87 -16.63 7.45
C GLN C 127 7.07 -15.71 7.69
N VAL C 128 7.40 -14.89 6.70
CA VAL C 128 8.48 -13.90 6.82
C VAL C 128 7.97 -12.51 7.21
N TYR C 129 6.88 -12.07 6.59
CA TYR C 129 6.48 -10.66 6.67
C TYR C 129 5.18 -10.35 7.43
N GLY C 130 4.72 -11.25 8.29
CA GLY C 130 3.66 -10.88 9.24
C GLY C 130 2.36 -11.65 9.25
N PHE C 131 1.89 -12.09 8.09
CA PHE C 131 0.58 -12.76 8.01
C PHE C 131 0.42 -13.94 8.97
N TYR C 132 1.45 -14.79 9.05
CA TYR C 132 1.43 -15.89 10.00
C TYR C 132 1.24 -15.34 11.41
N ASP C 133 2.10 -14.38 11.79
CA ASP C 133 2.07 -13.76 13.12
C ASP C 133 0.70 -13.23 13.48
N GLU C 134 0.11 -12.48 12.53
CA GLU C 134 -1.19 -11.84 12.71
C GLU C 134 -2.28 -12.86 13.00
N CYS C 135 -2.33 -13.92 12.19
CA CYS C 135 -3.30 -14.99 12.37
C CYS C 135 -3.19 -15.64 13.75
N LEU C 136 -1.97 -16.01 14.13
CA LEU C 136 -1.69 -16.59 15.44
C LEU C 136 -2.18 -15.70 16.60
N ARG C 137 -1.93 -14.40 16.49
CA ARG C 137 -2.30 -13.43 17.52
C ARG C 137 -3.80 -13.16 17.56
N LYS C 138 -4.46 -13.24 16.40
CA LYS C 138 -5.89 -12.94 16.30
C LYS C 138 -6.82 -14.16 16.43
N TYR C 139 -6.28 -15.38 16.34
CA TYR C 139 -7.10 -16.59 16.38
C TYR C 139 -6.67 -17.65 17.41
N GLY C 140 -5.45 -17.53 17.93
CA GLY C 140 -4.94 -18.45 18.94
C GLY C 140 -4.28 -19.70 18.39
N ASN C 141 -4.29 -19.86 17.08
CA ASN C 141 -3.72 -21.04 16.42
C ASN C 141 -3.39 -20.80 14.93
N ALA C 142 -2.80 -21.82 14.29
CA ALA C 142 -2.35 -21.71 12.90
C ALA C 142 -3.40 -22.08 11.85
N ASN C 143 -4.60 -22.45 12.28
CA ASN C 143 -5.65 -22.96 11.37
C ASN C 143 -6.13 -21.97 10.30
N VAL C 144 -6.32 -20.72 10.67
CA VAL C 144 -6.73 -19.68 9.73
C VAL C 144 -5.66 -19.46 8.65
N TRP C 145 -4.39 -19.44 9.08
CA TRP C 145 -3.26 -19.37 8.16
C TRP C 145 -3.24 -20.56 7.22
N LYS C 146 -3.59 -21.74 7.72
CA LYS C 146 -3.77 -22.94 6.87
C LYS C 146 -4.85 -22.71 5.81
N TYR C 147 -6.05 -22.35 6.25
CA TYR C 147 -7.19 -22.19 5.33
C TYR C 147 -6.93 -21.14 4.25
N PHE C 148 -6.16 -20.10 4.57
CA PHE C 148 -5.86 -19.05 3.60
C PHE C 148 -4.73 -19.42 2.64
N THR C 149 -3.64 -19.99 3.17
CA THR C 149 -2.49 -20.31 2.33
C THR C 149 -2.80 -21.48 1.41
N ASP C 150 -3.71 -22.34 1.85
CA ASP C 150 -4.24 -23.39 0.99
C ASP C 150 -5.11 -22.79 -0.13
N LEU C 151 -5.89 -21.78 0.23
CA LEU C 151 -6.74 -21.06 -0.73
C LEU C 151 -5.91 -20.30 -1.76
N PHE C 152 -4.78 -19.74 -1.33
CA PHE C 152 -3.91 -18.96 -2.22
C PHE C 152 -3.44 -19.74 -3.43
N ASP C 153 -3.23 -21.05 -3.26
CA ASP C 153 -2.84 -21.92 -4.36
C ASP C 153 -3.82 -21.88 -5.54
N TYR C 154 -5.05 -21.44 -5.28
CA TYR C 154 -6.11 -21.46 -6.28
C TYR C 154 -6.30 -20.14 -7.03
N LEU C 155 -5.74 -19.06 -6.50
CA LEU C 155 -5.88 -17.74 -7.11
C LEU C 155 -5.27 -17.76 -8.52
N PRO C 156 -5.98 -17.20 -9.52
CA PRO C 156 -5.42 -17.17 -10.86
C PRO C 156 -4.15 -16.33 -10.93
N LEU C 157 -3.23 -16.72 -11.81
CA LEU C 157 -1.92 -16.08 -11.90
C LEU C 157 -2.00 -14.75 -12.65
N THR C 158 -2.86 -14.69 -13.65
CA THR C 158 -2.98 -13.51 -14.50
C THR C 158 -4.45 -13.25 -14.84
N ALA C 159 -4.71 -12.11 -15.48
CA ALA C 159 -6.04 -11.77 -15.98
C ALA C 159 -5.93 -11.09 -17.33
N LEU C 160 -7.03 -11.10 -18.09
CA LEU C 160 -7.07 -10.47 -19.39
C LEU C 160 -8.38 -9.72 -19.56
N VAL C 161 -8.29 -8.40 -19.64
CA VAL C 161 -9.48 -7.55 -19.81
C VAL C 161 -9.74 -7.30 -21.29
N ASP C 162 -10.91 -7.72 -21.77
CA ASP C 162 -11.31 -7.52 -23.16
C ASP C 162 -10.27 -7.99 -24.17
N GLY C 163 -9.54 -9.04 -23.80
CA GLY C 163 -8.51 -9.62 -24.66
C GLY C 163 -7.30 -8.73 -24.95
N GLN C 164 -7.24 -7.54 -24.34
CA GLN C 164 -6.30 -6.50 -24.78
C GLN C 164 -5.37 -5.94 -23.71
N ILE C 165 -5.78 -6.02 -22.46
CA ILE C 165 -4.96 -5.50 -21.37
C ILE C 165 -4.59 -6.63 -20.43
N PHE C 166 -3.29 -6.91 -20.38
CA PHE C 166 -2.76 -8.02 -19.61
C PHE C 166 -2.43 -7.61 -18.18
N CYS C 167 -3.05 -8.29 -17.21
CA CYS C 167 -2.86 -7.96 -15.80
C CYS C 167 -2.28 -9.12 -14.99
N LEU C 168 -1.27 -8.80 -14.19
CA LEU C 168 -0.58 -9.76 -13.33
C LEU C 168 0.22 -9.02 -12.28
N HIS C 169 0.67 -9.71 -11.24
CA HIS C 169 1.38 -9.06 -10.15
C HIS C 169 2.76 -8.62 -10.53
N GLY C 170 3.56 -9.58 -11.01
CA GLY C 170 4.99 -9.36 -11.21
C GLY C 170 5.31 -8.82 -12.59
N GLY C 171 5.65 -9.74 -13.50
CA GLY C 171 6.04 -9.38 -14.86
C GLY C 171 6.24 -10.58 -15.76
N LEU C 172 6.99 -10.37 -16.85
CA LEU C 172 7.16 -11.39 -17.87
C LEU C 172 8.27 -12.41 -17.56
N SER C 173 8.24 -13.52 -18.30
CA SER C 173 9.17 -14.64 -18.07
C SER C 173 9.82 -15.07 -19.39
N PRO C 174 11.15 -15.23 -19.39
CA PRO C 174 11.86 -15.70 -20.57
C PRO C 174 11.30 -17.02 -21.08
N SER C 175 10.68 -17.79 -20.18
CA SER C 175 10.10 -19.10 -20.52
C SER C 175 8.72 -18.96 -21.19
N ILE C 176 8.09 -17.80 -21.04
CA ILE C 176 6.74 -17.58 -21.55
C ILE C 176 6.74 -16.60 -22.69
N ASP C 177 6.38 -17.07 -23.88
CA ASP C 177 6.29 -16.22 -25.07
C ASP C 177 4.84 -15.85 -25.36
N THR C 178 3.93 -16.76 -25.04
CA THR C 178 2.51 -16.59 -25.34
C THR C 178 1.63 -16.76 -24.10
N LEU C 179 0.39 -16.29 -24.20
CA LEU C 179 -0.61 -16.51 -23.16
C LEU C 179 -1.06 -17.97 -23.05
N ASP C 180 -0.82 -18.77 -24.09
CA ASP C 180 -1.11 -20.19 -24.04
C ASP C 180 -0.15 -20.96 -23.14
N HIS C 181 1.11 -20.55 -23.13
CA HIS C 181 2.08 -21.18 -22.23
C HIS C 181 1.62 -21.05 -20.80
N ILE C 182 1.03 -19.90 -20.47
CA ILE C 182 0.50 -19.64 -19.12
C ILE C 182 -0.71 -20.50 -18.78
N ARG C 183 -1.60 -20.69 -19.75
CA ARG C 183 -2.77 -21.55 -19.55
C ARG C 183 -2.38 -23.00 -19.29
N ALA C 184 -1.31 -23.45 -19.95
CA ALA C 184 -0.77 -24.81 -19.80
C ALA C 184 -0.26 -25.12 -18.39
N LEU C 185 0.23 -24.09 -17.70
CA LEU C 185 0.83 -24.24 -16.37
C LEU C 185 -0.08 -24.84 -15.30
N ASP C 186 0.53 -25.48 -14.31
CA ASP C 186 -0.19 -25.88 -13.10
C ASP C 186 0.06 -24.88 -11.99
N ARG C 187 -0.97 -24.12 -11.63
CA ARG C 187 -0.84 -23.07 -10.62
C ARG C 187 -1.15 -23.58 -9.22
N LEU C 188 -1.75 -24.77 -9.13
CA LEU C 188 -2.29 -25.31 -7.87
C LEU C 188 -1.20 -25.85 -6.94
N GLN C 189 -0.18 -25.04 -6.70
CA GLN C 189 0.93 -25.39 -5.83
C GLN C 189 1.47 -24.14 -5.16
N GLU C 190 2.31 -24.33 -4.15
CA GLU C 190 3.07 -23.25 -3.55
C GLU C 190 3.90 -22.59 -4.66
N VAL C 191 3.96 -21.26 -4.63
CA VAL C 191 4.76 -20.50 -5.59
C VAL C 191 6.17 -21.05 -5.58
N PRO C 192 6.65 -21.55 -6.74
CA PRO C 192 7.97 -22.16 -6.78
C PRO C 192 9.11 -21.15 -6.64
N HIS C 193 10.29 -21.66 -6.34
CA HIS C 193 11.49 -20.87 -6.17
C HIS C 193 12.05 -20.35 -7.49
N GLU C 194 11.76 -21.05 -8.58
CA GLU C 194 12.23 -20.67 -9.93
C GLU C 194 11.18 -21.06 -10.99
N GLY C 195 11.34 -20.56 -12.21
CA GLY C 195 10.48 -20.97 -13.31
C GLY C 195 9.39 -19.98 -13.70
N PRO C 196 8.59 -20.33 -14.73
CA PRO C 196 7.57 -19.45 -15.31
C PRO C 196 6.54 -18.91 -14.31
N MET C 197 6.01 -19.79 -13.46
CA MET C 197 5.05 -19.37 -12.44
C MET C 197 5.71 -18.38 -11.49
N CYS C 198 6.93 -18.70 -11.04
CA CYS C 198 7.70 -17.82 -10.19
C CYS C 198 7.90 -16.44 -10.84
N ASP C 199 8.33 -16.42 -12.10
CA ASP C 199 8.62 -15.17 -12.79
C ASP C 199 7.39 -14.25 -12.93
N LEU C 200 6.23 -14.83 -13.20
CA LEU C 200 5.01 -14.05 -13.37
C LEU C 200 4.64 -13.24 -12.13
N LEU C 201 4.97 -13.78 -10.96
CA LEU C 201 4.64 -13.11 -9.70
C LEU C 201 5.81 -12.36 -9.08
N TRP C 202 6.99 -12.45 -9.70
CA TRP C 202 8.21 -11.87 -9.12
C TRP C 202 8.94 -10.84 -9.95
N SER C 203 8.83 -10.94 -11.27
CA SER C 203 9.59 -10.11 -12.22
C SER C 203 9.30 -8.61 -12.15
N ASP C 204 10.26 -7.81 -12.61
CA ASP C 204 10.12 -6.34 -12.71
C ASP C 204 10.54 -5.85 -14.09
N PRO C 205 9.91 -4.78 -14.59
CA PRO C 205 10.49 -4.08 -15.73
C PRO C 205 11.65 -3.22 -15.24
N ASP C 206 12.62 -2.93 -16.12
CA ASP C 206 13.67 -1.97 -15.79
C ASP C 206 14.12 -1.16 -17.01
N ASP C 207 15.16 -0.35 -16.82
CA ASP C 207 15.56 0.65 -17.82
C ASP C 207 16.66 0.25 -18.81
N ARG C 208 17.19 -0.97 -18.69
CA ARG C 208 18.19 -1.50 -19.64
C ARG C 208 17.55 -2.61 -20.49
N GLY C 209 18.04 -2.77 -21.71
CA GLY C 209 17.46 -3.72 -22.65
C GLY C 209 17.62 -5.19 -22.31
N GLY C 210 16.74 -6.02 -22.88
CA GLY C 210 16.82 -7.47 -22.73
C GLY C 210 16.42 -8.02 -21.38
N TRP C 211 16.63 -9.32 -21.21
CA TRP C 211 16.42 -9.99 -19.92
C TRP C 211 17.55 -9.73 -18.97
N GLY C 212 17.27 -9.85 -17.69
CA GLY C 212 18.28 -9.73 -16.65
C GLY C 212 17.85 -10.52 -15.42
N ILE C 213 18.77 -11.26 -14.83
CA ILE C 213 18.49 -11.97 -13.59
C ILE C 213 18.14 -10.93 -12.51
N SER C 214 17.05 -11.20 -11.79
CA SER C 214 16.53 -10.24 -10.80
C SER C 214 17.41 -10.09 -9.57
N PRO C 215 17.64 -8.83 -9.14
CA PRO C 215 18.29 -8.54 -7.88
C PRO C 215 17.49 -9.06 -6.69
N ARG C 216 16.19 -9.27 -6.87
CA ARG C 216 15.32 -9.83 -5.82
C ARG C 216 15.73 -11.25 -5.43
N GLY C 217 16.45 -11.92 -6.33
CA GLY C 217 16.86 -13.32 -6.11
C GLY C 217 15.84 -14.30 -6.68
N ALA C 218 14.75 -13.74 -7.21
CA ALA C 218 13.70 -14.51 -7.84
C ALA C 218 13.08 -13.71 -8.99
N GLY C 219 12.91 -14.36 -10.14
CA GLY C 219 12.33 -13.70 -11.29
C GLY C 219 13.38 -13.05 -12.17
N TYR C 220 12.93 -12.23 -13.11
CA TYR C 220 13.82 -11.58 -14.05
C TYR C 220 13.43 -10.10 -14.18
N THR C 221 14.33 -9.28 -14.67
CA THR C 221 13.99 -7.92 -15.04
C THR C 221 13.99 -7.84 -16.55
N PHE C 222 12.98 -7.19 -17.11
CA PHE C 222 12.83 -7.13 -18.55
C PHE C 222 12.82 -5.71 -19.08
N GLY C 223 13.38 -5.54 -20.27
CA GLY C 223 13.48 -4.23 -20.92
C GLY C 223 12.38 -3.96 -21.92
N GLN C 224 12.35 -2.72 -22.41
CA GLN C 224 11.28 -2.23 -23.29
C GLN C 224 11.08 -3.07 -24.55
N ASP C 225 12.16 -3.60 -25.10
CA ASP C 225 12.08 -4.42 -26.30
C ASP C 225 11.31 -5.71 -26.05
N ILE C 226 11.51 -6.30 -24.86
CA ILE C 226 10.80 -7.50 -24.44
C ILE C 226 9.29 -7.23 -24.28
N SER C 227 8.97 -6.08 -23.65
CA SER C 227 7.58 -5.64 -23.50
C SER C 227 6.92 -5.42 -24.84
N GLU C 228 7.64 -4.79 -25.76
CA GLU C 228 7.18 -4.52 -27.12
C GLU C 228 6.93 -5.79 -27.89
N THR C 229 7.80 -6.79 -27.70
CA THR C 229 7.65 -8.06 -28.40
C THR C 229 6.46 -8.84 -27.84
N PHE C 230 6.39 -8.94 -26.51
CA PHE C 230 5.31 -9.71 -25.87
C PHE C 230 3.92 -9.14 -26.20
N ASN C 231 3.77 -7.82 -26.05
CA ASN C 231 2.51 -7.16 -26.38
C ASN C 231 2.09 -7.41 -27.83
N HIS C 232 2.98 -7.09 -28.76
CA HIS C 232 2.69 -7.30 -30.17
C HIS C 232 2.33 -8.73 -30.47
N ALA C 233 3.14 -9.67 -29.98
CA ALA C 233 2.94 -11.08 -30.20
C ALA C 233 1.64 -11.66 -29.63
N ASN C 234 1.11 -11.03 -28.58
CA ASN C 234 -0.12 -11.52 -27.95
C ASN C 234 -1.33 -10.60 -28.16
N GLY C 235 -1.15 -9.63 -29.06
CA GLY C 235 -2.21 -8.69 -29.39
C GLY C 235 -2.60 -7.77 -28.25
N LEU C 236 -1.64 -7.49 -27.37
CA LEU C 236 -1.90 -6.68 -26.19
C LEU C 236 -1.52 -5.22 -26.40
N THR C 237 -2.28 -4.33 -25.78
CA THR C 237 -1.99 -2.90 -25.83
C THR C 237 -1.24 -2.44 -24.57
N LEU C 238 -1.45 -3.15 -23.47
CA LEU C 238 -0.90 -2.77 -22.16
C LEU C 238 -0.68 -3.96 -21.23
N VAL C 239 0.43 -3.94 -20.52
CA VAL C 239 0.62 -4.83 -19.38
C VAL C 239 0.44 -4.01 -18.11
N SER C 240 -0.61 -4.32 -17.37
CA SER C 240 -0.88 -3.71 -16.09
C SER C 240 -0.34 -4.61 -14.98
N ARG C 241 0.52 -4.05 -14.13
CA ARG C 241 1.13 -4.81 -13.02
C ARG C 241 1.37 -4.00 -11.74
N ALA C 242 1.78 -4.68 -10.68
CA ALA C 242 2.00 -4.05 -9.38
C ALA C 242 3.43 -4.35 -8.89
N HIS C 243 3.57 -4.93 -7.71
CA HIS C 243 4.85 -5.49 -7.22
C HIS C 243 5.92 -4.50 -6.84
N GLN C 244 5.69 -3.21 -7.06
CA GLN C 244 6.68 -2.17 -6.71
C GLN C 244 6.09 -0.87 -6.17
N LEU C 245 6.76 -0.29 -5.17
CA LEU C 245 6.37 1.00 -4.60
C LEU C 245 6.45 2.11 -5.63
N VAL C 246 5.41 2.93 -5.68
CA VAL C 246 5.35 4.09 -6.58
C VAL C 246 4.98 5.34 -5.78
N MET C 247 5.86 6.34 -5.84
CA MET C 247 5.66 7.60 -5.12
C MET C 247 4.38 8.32 -5.59
N GLU C 248 4.12 8.28 -6.89
CA GLU C 248 2.93 8.92 -7.47
C GLU C 248 1.68 8.02 -7.53
N GLY C 249 1.79 6.79 -7.02
CA GLY C 249 0.68 5.84 -7.07
C GLY C 249 0.72 4.93 -8.28
N TYR C 250 0.96 5.51 -9.45
CA TYR C 250 1.12 4.75 -10.69
C TYR C 250 2.29 5.28 -11.51
N ASN C 251 2.92 4.38 -12.26
CA ASN C 251 4.13 4.72 -13.00
C ASN C 251 4.14 4.09 -14.39
N TRP C 252 4.16 4.94 -15.41
CA TRP C 252 4.35 4.52 -16.79
C TRP C 252 5.77 4.13 -17.03
N CYS C 253 5.98 3.11 -17.87
CA CYS C 253 7.32 2.79 -18.35
C CYS C 253 7.27 2.00 -19.67
N HIS C 254 8.45 1.79 -20.25
CA HIS C 254 8.58 1.06 -21.51
C HIS C 254 7.70 1.65 -22.58
N ASP C 255 7.71 2.98 -22.70
CA ASP C 255 6.97 3.67 -23.75
C ASP C 255 5.46 3.33 -23.67
N ARG C 256 4.94 3.31 -22.45
CA ARG C 256 3.52 3.04 -22.16
C ARG C 256 3.04 1.63 -22.55
N ASN C 257 3.99 0.71 -22.67
CA ASN C 257 3.69 -0.70 -22.82
C ASN C 257 3.35 -1.34 -21.47
N VAL C 258 3.87 -0.75 -20.40
CA VAL C 258 3.70 -1.27 -19.05
C VAL C 258 3.28 -0.16 -18.09
N VAL C 259 2.38 -0.49 -17.16
CA VAL C 259 2.00 0.43 -16.08
C VAL C 259 2.09 -0.27 -14.72
N THR C 260 2.64 0.43 -13.73
CA THR C 260 2.77 -0.11 -12.38
C THR C 260 1.82 0.64 -11.47
N ILE C 261 0.99 -0.11 -10.74
CA ILE C 261 -0.05 0.46 -9.87
C ILE C 261 0.18 -0.03 -8.45
N PHE C 262 0.30 0.92 -7.52
CA PHE C 262 0.52 0.60 -6.11
C PHE C 262 -0.59 1.26 -5.28
N SER C 263 -1.23 0.47 -4.41
CA SER C 263 -2.42 0.94 -3.71
C SER C 263 -2.30 0.97 -2.19
N ALA C 264 -1.06 1.04 -1.70
CA ALA C 264 -0.82 1.21 -0.29
C ALA C 264 -0.20 2.60 -0.08
N PRO C 265 -1.04 3.59 0.31
CA PRO C 265 -0.53 4.95 0.48
C PRO C 265 0.34 5.08 1.73
N ASN C 266 1.28 6.01 1.68
CA ASN C 266 2.23 6.26 2.77
C ASN C 266 2.81 4.98 3.37
N TYR C 267 3.26 4.09 2.48
CA TYR C 267 3.88 2.82 2.81
C TYR C 267 4.80 2.89 4.02
N CYS C 268 4.62 1.93 4.93
CA CYS C 268 5.43 1.79 6.17
C CYS C 268 5.36 3.01 7.05
N TYR C 269 4.27 3.77 6.96
CA TYR C 269 4.10 5.05 7.66
C TYR C 269 5.26 5.99 7.40
N ARG C 270 5.99 5.74 6.33
CA ARG C 270 7.31 6.31 6.15
C ARG C 270 7.45 7.03 4.82
N CYS C 271 6.96 6.36 3.77
CA CYS C 271 7.31 6.70 2.39
C CYS C 271 6.63 7.92 1.84
N GLY C 272 5.46 8.26 2.38
CA GLY C 272 4.72 9.45 1.96
C GLY C 272 4.26 9.40 0.51
N ASN C 273 4.09 8.19 -0.01
CA ASN C 273 3.64 7.99 -1.37
C ASN C 273 2.12 8.10 -1.49
N GLN C 274 1.65 8.40 -2.70
CA GLN C 274 0.25 8.30 -3.00
C GLN C 274 -0.06 6.88 -3.42
N ALA C 275 -1.33 6.50 -3.33
CA ALA C 275 -1.78 5.24 -3.87
C ALA C 275 -2.59 5.54 -5.14
N ALA C 276 -2.74 4.55 -6.01
CA ALA C 276 -3.54 4.74 -7.22
C ALA C 276 -4.36 3.52 -7.61
N ILE C 277 -5.41 3.77 -8.37
CA ILE C 277 -6.18 2.72 -9.04
C ILE C 277 -6.44 3.15 -10.49
N MET C 278 -6.66 2.18 -11.37
CA MET C 278 -6.89 2.47 -12.79
C MET C 278 -8.31 2.07 -13.19
N GLU C 279 -9.10 3.05 -13.62
CA GLU C 279 -10.43 2.80 -14.11
C GLU C 279 -10.37 2.51 -15.60
N LEU C 280 -10.94 1.38 -15.99
CA LEU C 280 -11.12 1.08 -17.40
C LEU C 280 -12.57 1.30 -17.82
N ASP C 281 -12.73 2.21 -18.79
CA ASP C 281 -14.00 2.63 -19.38
C ASP C 281 -14.87 1.49 -19.88
N ASP C 282 -16.12 1.83 -20.21
CA ASP C 282 -16.98 0.99 -21.04
C ASP C 282 -16.30 0.66 -22.39
N THR C 283 -15.42 1.56 -22.84
CA THR C 283 -14.73 1.41 -24.13
C THR C 283 -13.23 1.14 -23.97
N LEU C 284 -12.84 0.59 -22.81
CA LEU C 284 -11.45 0.22 -22.50
C LEU C 284 -10.45 1.38 -22.40
N LYS C 285 -10.93 2.62 -22.28
CA LYS C 285 -10.03 3.75 -22.06
C LYS C 285 -9.60 3.81 -20.59
N TYR C 286 -8.33 4.10 -20.36
CA TYR C 286 -7.80 4.14 -19.00
C TYR C 286 -7.75 5.55 -18.43
N SER C 287 -7.98 5.64 -17.12
CA SER C 287 -7.74 6.86 -16.35
C SER C 287 -7.34 6.48 -14.92
N PHE C 288 -6.59 7.36 -14.26
CA PHE C 288 -6.06 7.06 -12.93
C PHE C 288 -6.59 7.96 -11.82
N LEU C 289 -6.76 7.37 -10.64
CA LEU C 289 -7.20 8.10 -9.46
C LEU C 289 -6.19 7.93 -8.35
N GLN C 290 -5.54 9.04 -7.99
CA GLN C 290 -4.54 9.01 -6.93
C GLN C 290 -5.19 9.41 -5.61
N PHE C 291 -4.79 8.75 -4.54
CA PHE C 291 -5.32 9.08 -3.22
C PHE C 291 -4.30 8.92 -2.10
N ASP C 292 -4.48 9.73 -1.06
CA ASP C 292 -3.69 9.65 0.17
C ASP C 292 -4.46 8.78 1.18
N PRO C 293 -3.84 8.48 2.33
CA PRO C 293 -4.46 7.58 3.32
C PRO C 293 -5.68 8.14 4.06
N ALA C 294 -6.34 7.27 4.83
CA ALA C 294 -7.46 7.66 5.70
C ALA C 294 -6.96 8.52 6.88
N PRO C 295 -7.69 9.61 7.20
CA PRO C 295 -7.21 10.61 8.18
C PRO C 295 -7.06 10.09 9.63
C1 PEG D . -5.15 14.25 -3.62
O1 PEG D . -5.40 14.43 -5.02
C2 PEG D . -5.96 13.06 -3.08
O2 PEG D . -7.07 13.49 -2.27
C3 PEG D . -8.32 13.25 -2.92
C4 PEG D . -8.78 14.50 -3.69
O4 PEG D . -9.17 14.20 -5.04
MN MN E . 4.94 -8.29 -4.64
MN MN F . 4.15 -5.79 -2.40
PG AGS G . 7.04 -7.20 -2.42
S1G AGS G . 6.14 -5.70 -3.52
O2G AGS G . 6.64 -8.51 -3.07
O3G AGS G . 6.69 -6.90 -0.98
PB AGS G . 9.64 -8.16 -1.78
O1B AGS G . 10.82 -8.40 -2.71
O2B AGS G . 8.88 -9.36 -1.28
O3B AGS G . 8.64 -7.12 -2.54
PA AGS G . 10.96 -5.91 -0.63
O1A AGS G . 10.77 -5.13 0.65
O2A AGS G . 10.61 -5.23 -1.93
O3A AGS G . 10.15 -7.30 -0.50
O5' AGS G . 12.49 -6.41 -0.68
C5' AGS G . 13.30 -6.26 -1.85
C4' AGS G . 14.33 -7.37 -2.01
O4' AGS G . 15.41 -7.23 -1.09
C3' AGS G . 13.79 -8.77 -1.79
O3' AGS G . 13.39 -9.30 -3.05
C2' AGS G . 14.95 -9.54 -1.22
O2' AGS G . 15.72 -10.07 -2.30
C1' AGS G . 15.80 -8.49 -0.54
N9 AGS G . 15.64 -8.46 0.94
C8 AGS G . 14.67 -9.06 1.67
N7 AGS G . 14.84 -8.81 3.00
C5 AGS G . 15.93 -8.02 3.14
C6 AGS G . 16.68 -7.39 4.26
N6 AGS G . 16.28 -7.54 5.54
N1 AGS G . 17.78 -6.64 3.96
C2 AGS G . 18.21 -6.49 2.69
N3 AGS G . 17.58 -7.04 1.64
C4 AGS G . 16.46 -7.80 1.78
O1 MES H . -0.15 6.06 6.86
C2 MES H . -1.17 6.07 7.85
C3 MES H . -2.43 5.35 7.32
N4 MES H . -2.17 4.04 6.66
C5 MES H . -0.88 3.93 5.93
C6 MES H . 0.27 4.72 6.56
C7 MES H . -2.33 2.94 7.64
C8 MES H . -3.16 1.83 7.01
S MES H . -4.42 1.33 8.00
O1S MES H . -4.36 1.60 9.46
O2S MES H . -5.33 0.25 7.51
O3S MES H . -3.50 0.21 8.30
#